data_5VCM
#
_entry.id   5VCM
#
_cell.length_a   46.130
_cell.length_b   139.330
_cell.length_c   63.210
_cell.angle_alpha   90.000
_cell.angle_beta   111.080
_cell.angle_gamma   90.000
#
_symmetry.space_group_name_H-M   'P 1 21 1'
#
loop_
_entity.id
_entity.type
_entity.pdbx_description
1 polymer 'Alpha-1,6-mannosyl-glycoprotein 2-beta-N-acetylglucosaminyltransferase'
2 non-polymer 'MANGANESE (II) ION'
3 non-polymer "URIDINE-5'-DIPHOSPHATE"
4 non-polymer 'DIMETHYL SULFOXIDE'
5 non-polymer 1,2-ETHANEDIOL
6 non-polymer 2-acetamido-2-deoxy-beta-D-glucopyranose
7 water water
#
_entity_poly.entity_id   1
_entity_poly.type   'polypeptide(L)'
_entity_poly.pdbx_seq_one_letter_code
;GRQRKNEALAPPLLDAEPARGAGGRGGDHPSVAVGIRRVSNVSAASLVPAVPQPEADNLTLRYRSLVYQLNFDQTLRNVD
KAGTWAPRELVLVVQVHNRPEYLRLLLDSLRKAQGIDNVLVIFSHDFWSTEINQLIAGVNFCPVLQVFFPFSIQLYPNEF
PGSDPRDCPRDLPKNAALKLGCINAEYPDSFGHYREAKFSQTKHHWWWKLHFVWERVKILRDYAGLILFLEEDHYLAPDF
YHVFKKMWKLKQQECPECDVLSLGTYSASRSFYGMADKVDVKTWKSTEHNMGLALTRNAYQKLIECTDTFCTYDDYNWDW
TLQYLTVSCLPKFWKVLVPQIPRIFHAGDCGMHHKKTCRPSTQSAQIESLLNNNKQYMFPETLTISEKFTVVAISPPRKN
GGWGDIRDHELCKSYRRLQ
;
_entity_poly.pdbx_strand_id   A,B
#
loop_
_chem_comp.id
_chem_comp.type
_chem_comp.name
_chem_comp.formula
DMS non-polymer 'DIMETHYL SULFOXIDE' 'C2 H6 O S'
EDO non-polymer 1,2-ETHANEDIOL 'C2 H6 O2'
MN non-polymer 'MANGANESE (II) ION' 'Mn 2'
NAG D-saccharide, beta linking 2-acetamido-2-deoxy-beta-D-glucopyranose 'C8 H15 N O6'
UDP RNA linking URIDINE-5'-DIPHOSPHATE 'C9 H14 N2 O12 P2'
#
# COMPACT_ATOMS: atom_id res chain seq x y z
N ASN A 58 -21.27 -29.08 -33.28
CA ASN A 58 -21.23 -27.77 -32.64
C ASN A 58 -20.32 -27.80 -31.44
N LEU A 59 -19.25 -27.00 -31.49
CA LEU A 59 -18.24 -27.01 -30.43
C LEU A 59 -18.83 -26.48 -29.12
N THR A 60 -19.67 -25.45 -29.20
CA THR A 60 -20.30 -24.91 -28.00
C THR A 60 -21.11 -25.98 -27.28
N LEU A 61 -21.94 -26.72 -28.03
CA LEU A 61 -22.71 -27.80 -27.43
C LEU A 61 -21.81 -28.90 -26.88
N ARG A 62 -20.72 -29.21 -27.60
CA ARG A 62 -19.77 -30.19 -27.10
C ARG A 62 -19.25 -29.79 -25.72
N TYR A 63 -18.81 -28.55 -25.59
CA TYR A 63 -18.26 -28.07 -24.32
C TYR A 63 -19.28 -28.17 -23.20
N ARG A 64 -20.55 -27.86 -23.49
CA ARG A 64 -21.59 -28.00 -22.47
C ARG A 64 -21.64 -29.42 -21.91
N SER A 65 -21.52 -30.41 -22.80
CA SER A 65 -21.56 -31.81 -22.40
C SER A 65 -20.32 -32.17 -21.59
N LEU A 66 -19.15 -31.71 -22.05
CA LEU A 66 -17.90 -31.92 -21.31
CA LEU A 66 -17.90 -31.92 -21.32
C LEU A 66 -17.98 -31.39 -19.89
N VAL A 67 -18.43 -30.14 -19.75
CA VAL A 67 -18.47 -29.51 -18.44
C VAL A 67 -19.44 -30.23 -17.51
N TYR A 68 -20.59 -30.65 -18.04
CA TYR A 68 -21.54 -31.37 -17.19
C TYR A 68 -20.92 -32.65 -16.62
N GLN A 69 -20.31 -33.47 -17.47
CA GLN A 69 -19.79 -34.75 -16.98
C GLN A 69 -18.61 -34.55 -16.04
N LEU A 70 -17.72 -33.59 -16.35
CA LEU A 70 -16.53 -33.41 -15.52
C LEU A 70 -16.89 -32.86 -14.14
N ASN A 71 -17.88 -31.98 -14.08
CA ASN A 71 -18.35 -31.48 -12.79
C ASN A 71 -19.04 -32.57 -11.99
N PHE A 72 -19.59 -33.58 -12.65
CA PHE A 72 -20.20 -34.69 -11.94
C PHE A 72 -19.13 -35.66 -11.46
N ASP A 73 -18.15 -35.98 -12.32
CA ASP A 73 -17.22 -37.05 -11.99
C ASP A 73 -16.22 -36.60 -10.92
N GLN A 74 -15.77 -35.35 -10.97
CA GLN A 74 -14.86 -34.77 -9.99
C GLN A 74 -13.62 -35.65 -9.79
N THR A 75 -12.95 -35.91 -10.90
CA THR A 75 -11.74 -36.73 -10.89
C THR A 75 -10.64 -36.03 -10.11
N LEU A 76 -10.16 -36.68 -9.05
CA LEU A 76 -9.17 -36.11 -8.14
CA LEU A 76 -9.17 -36.11 -8.15
C LEU A 76 -7.78 -36.61 -8.55
N ARG A 77 -6.93 -35.70 -8.98
CA ARG A 77 -5.61 -36.11 -9.41
C ARG A 77 -4.65 -36.20 -8.23
N ASN A 78 -3.71 -37.13 -8.32
CA ASN A 78 -2.62 -37.30 -7.37
C ASN A 78 -3.10 -37.79 -6.01
N VAL A 79 -4.25 -38.47 -5.96
CA VAL A 79 -4.78 -39.04 -4.74
C VAL A 79 -5.06 -40.51 -4.98
N ASP A 80 -4.61 -41.36 -4.07
CA ASP A 80 -4.98 -42.78 -4.05
C ASP A 80 -6.42 -42.91 -3.59
N TRP A 85 -6.18 -40.58 2.73
CA TRP A 85 -6.18 -39.12 2.61
C TRP A 85 -7.59 -38.54 2.63
N ALA A 86 -7.74 -37.41 3.31
CA ALA A 86 -8.95 -36.61 3.23
C ALA A 86 -8.51 -35.16 3.33
N PRO A 87 -9.23 -34.24 2.70
CA PRO A 87 -8.86 -32.83 2.84
C PRO A 87 -9.01 -32.40 4.30
N ARG A 88 -7.95 -31.79 4.82
CA ARG A 88 -7.90 -31.37 6.21
C ARG A 88 -7.23 -30.01 6.29
N GLU A 89 -7.73 -29.18 7.21
CA GLU A 89 -7.16 -27.89 7.61
C GLU A 89 -7.35 -26.82 6.55
N LEU A 90 -6.82 -27.03 5.35
CA LEU A 90 -6.84 -26.00 4.32
C LEU A 90 -7.08 -26.62 2.95
N VAL A 91 -7.92 -25.96 2.16
CA VAL A 91 -8.14 -26.26 0.75
C VAL A 91 -7.99 -24.95 0.00
N LEU A 92 -7.38 -24.99 -1.18
CA LEU A 92 -7.24 -23.79 -2.01
C LEU A 92 -8.24 -23.87 -3.15
N VAL A 93 -8.84 -22.73 -3.50
CA VAL A 93 -9.68 -22.64 -4.70
C VAL A 93 -9.16 -21.47 -5.52
N VAL A 94 -8.83 -21.73 -6.79
CA VAL A 94 -8.21 -20.74 -7.66
C VAL A 94 -9.21 -20.40 -8.76
N GLN A 95 -9.54 -19.11 -8.89
CA GLN A 95 -10.40 -18.68 -10.00
C GLN A 95 -9.53 -18.47 -11.24
N VAL A 96 -9.87 -19.17 -12.31
CA VAL A 96 -9.08 -19.21 -13.54
C VAL A 96 -9.92 -18.79 -14.72
N HIS A 97 -9.36 -17.94 -15.58
CA HIS A 97 -10.00 -17.58 -16.83
C HIS A 97 -9.06 -17.92 -17.97
N ASN A 98 -8.31 -16.97 -18.52
CA ASN A 98 -7.55 -17.27 -19.73
C ASN A 98 -6.23 -16.49 -19.76
N ARG A 99 -5.42 -16.70 -18.72
CA ARG A 99 -4.08 -16.10 -18.66
C ARG A 99 -3.10 -17.19 -18.24
N PRO A 100 -2.76 -18.09 -19.15
CA PRO A 100 -1.90 -19.24 -18.77
C PRO A 100 -0.51 -18.82 -18.34
N GLU A 101 -0.01 -17.70 -18.86
CA GLU A 101 1.31 -17.23 -18.46
C GLU A 101 1.34 -16.91 -16.97
N TYR A 102 0.28 -16.31 -16.44
CA TYR A 102 0.21 -16.03 -15.02
C TYR A 102 -0.12 -17.29 -14.22
N LEU A 103 -1.00 -18.14 -14.74
CA LEU A 103 -1.28 -19.40 -14.06
C LEU A 103 0.00 -20.19 -13.83
N ARG A 104 0.87 -20.22 -14.84
CA ARG A 104 2.14 -20.93 -14.71
C ARG A 104 2.94 -20.41 -13.54
N LEU A 105 2.88 -19.09 -13.30
CA LEU A 105 3.60 -18.52 -12.17
CA LEU A 105 3.60 -18.51 -12.17
C LEU A 105 3.03 -18.98 -10.83
N LEU A 106 1.69 -18.97 -10.71
CA LEU A 106 1.04 -19.50 -9.51
C LEU A 106 1.46 -20.95 -9.25
N LEU A 107 1.43 -21.78 -10.30
CA LEU A 107 1.79 -23.19 -10.13
C LEU A 107 3.23 -23.34 -9.68
N ASP A 108 4.14 -22.51 -10.20
CA ASP A 108 5.51 -22.57 -9.73
C ASP A 108 5.62 -22.22 -8.25
N SER A 109 4.85 -21.21 -7.80
CA SER A 109 4.86 -20.88 -6.38
C SER A 109 4.33 -22.02 -5.53
N LEU A 110 3.32 -22.73 -6.04
CA LEU A 110 2.80 -23.90 -5.33
C LEU A 110 3.86 -24.99 -5.26
N ARG A 111 4.60 -25.20 -6.36
CA ARG A 111 5.64 -26.21 -6.37
C ARG A 111 6.71 -25.94 -5.33
N LYS A 112 7.06 -24.66 -5.14
CA LYS A 112 8.12 -24.27 -4.21
C LYS A 112 7.63 -24.15 -2.77
N ALA A 113 6.32 -24.19 -2.53
CA ALA A 113 5.80 -23.97 -1.19
C ALA A 113 6.01 -25.19 -0.31
N GLN A 114 6.25 -24.93 0.97
CA GLN A 114 6.56 -25.98 1.94
C GLN A 114 5.28 -26.59 2.52
N GLY A 115 5.31 -27.90 2.65
CA GLY A 115 4.33 -28.60 3.49
C GLY A 115 2.97 -28.81 2.90
N ILE A 116 2.80 -28.69 1.58
CA ILE A 116 1.46 -28.74 0.98
C ILE A 116 1.23 -30.01 0.16
N ASP A 117 2.06 -31.05 0.36
CA ASP A 117 1.88 -32.31 -0.37
C ASP A 117 0.45 -32.83 -0.30
N ASN A 118 -0.27 -32.54 0.78
CA ASN A 118 -1.59 -33.08 1.00
C ASN A 118 -2.68 -32.00 0.97
N VAL A 119 -2.35 -30.79 0.54
CA VAL A 119 -3.33 -29.70 0.45
C VAL A 119 -4.05 -29.78 -0.90
N LEU A 120 -5.37 -29.98 -0.86
CA LEU A 120 -6.16 -29.99 -2.09
C LEU A 120 -6.21 -28.60 -2.73
N VAL A 121 -5.95 -28.54 -4.03
CA VAL A 121 -6.05 -27.30 -4.81
C VAL A 121 -7.13 -27.54 -5.86
N ILE A 122 -8.18 -26.72 -5.82
CA ILE A 122 -9.27 -26.78 -6.79
C ILE A 122 -9.07 -25.63 -7.75
N PHE A 123 -8.97 -25.93 -9.03
CA PHE A 123 -8.95 -24.91 -10.07
C PHE A 123 -10.36 -24.79 -10.65
N SER A 124 -10.91 -23.59 -10.61
CA SER A 124 -12.25 -23.31 -11.12
C SER A 124 -12.14 -22.49 -12.40
N HIS A 125 -12.65 -23.04 -13.49
CA HIS A 125 -12.45 -22.51 -14.83
C HIS A 125 -13.75 -21.98 -15.41
N ASP A 126 -13.70 -20.79 -16.01
CA ASP A 126 -14.78 -20.37 -16.89
C ASP A 126 -14.33 -20.29 -18.35
N PHE A 127 -13.21 -20.91 -18.68
CA PHE A 127 -12.75 -20.97 -20.07
C PHE A 127 -12.03 -22.28 -20.29
N TRP A 128 -12.44 -23.01 -21.32
CA TRP A 128 -11.80 -24.26 -21.69
C TRP A 128 -10.70 -23.98 -22.70
N SER A 129 -9.48 -24.43 -22.40
CA SER A 129 -8.41 -24.37 -23.39
C SER A 129 -7.39 -25.47 -23.13
N THR A 130 -6.85 -26.00 -24.23
CA THR A 130 -5.81 -27.02 -24.14
C THR A 130 -4.63 -26.54 -23.31
N GLU A 131 -4.20 -25.29 -23.53
CA GLU A 131 -3.02 -24.79 -22.83
C GLU A 131 -3.26 -24.77 -21.32
N ILE A 132 -4.42 -24.28 -20.89
CA ILE A 132 -4.70 -24.20 -19.45
C ILE A 132 -4.80 -25.60 -18.86
N ASN A 133 -5.55 -26.48 -19.51
CA ASN A 133 -5.67 -27.84 -18.98
C ASN A 133 -4.33 -28.56 -18.95
N GLN A 134 -3.46 -28.29 -19.92
CA GLN A 134 -2.15 -28.93 -19.92
C GLN A 134 -1.31 -28.43 -18.75
N LEU A 135 -1.36 -27.13 -18.46
CA LEU A 135 -0.63 -26.59 -17.31
C LEU A 135 -1.05 -27.26 -16.02
N ILE A 136 -2.36 -27.37 -15.78
CA ILE A 136 -2.83 -27.98 -14.54
C ILE A 136 -2.53 -29.48 -14.52
N ALA A 137 -2.56 -30.13 -15.68
CA ALA A 137 -2.24 -31.56 -15.72
C ALA A 137 -0.80 -31.84 -15.33
N GLY A 138 0.09 -30.87 -15.53
CA GLY A 138 1.48 -31.05 -15.14
C GLY A 138 1.69 -31.10 -13.64
N VAL A 139 0.73 -30.62 -12.85
CA VAL A 139 0.85 -30.60 -11.39
C VAL A 139 0.83 -32.05 -10.89
N ASN A 140 1.95 -32.51 -10.31
CA ASN A 140 2.02 -33.87 -9.79
C ASN A 140 2.27 -33.90 -8.28
N PHE A 141 2.25 -32.75 -7.61
CA PHE A 141 2.82 -32.64 -6.27
C PHE A 141 1.79 -32.33 -5.18
N CYS A 142 0.50 -32.29 -5.52
CA CYS A 142 -0.54 -32.13 -4.50
C CYS A 142 -1.87 -32.59 -5.09
N PRO A 143 -2.86 -32.88 -4.26
CA PRO A 143 -4.18 -33.25 -4.80
C PRO A 143 -4.75 -32.10 -5.61
N VAL A 144 -5.32 -32.42 -6.78
CA VAL A 144 -5.83 -31.42 -7.71
C VAL A 144 -7.22 -31.81 -8.19
N LEU A 145 -8.14 -30.83 -8.24
CA LEU A 145 -9.45 -31.01 -8.86
C LEU A 145 -9.71 -29.83 -9.78
N GLN A 146 -10.27 -30.08 -10.96
CA GLN A 146 -10.74 -29.02 -11.84
C GLN A 146 -12.26 -29.02 -11.87
N VAL A 147 -12.86 -27.85 -11.61
CA VAL A 147 -14.29 -27.67 -11.79
C VAL A 147 -14.51 -26.55 -12.81
N PHE A 148 -15.72 -26.50 -13.37
CA PHE A 148 -15.99 -25.67 -14.55
C PHE A 148 -17.29 -24.93 -14.35
N PHE A 149 -17.21 -23.60 -14.39
CA PHE A 149 -18.40 -22.74 -14.27
C PHE A 149 -19.36 -23.06 -15.41
N PRO A 150 -20.58 -23.50 -15.15
CA PRO A 150 -21.42 -24.03 -16.22
C PRO A 150 -22.22 -22.97 -16.96
N PHE A 151 -22.07 -21.69 -16.61
CA PHE A 151 -22.80 -20.62 -17.26
C PHE A 151 -21.86 -19.56 -17.82
N SER A 152 -20.73 -20.00 -18.33
CA SER A 152 -19.72 -19.11 -18.89
C SER A 152 -20.12 -18.58 -20.26
N ILE A 153 -19.51 -17.47 -20.64
CA ILE A 153 -19.71 -16.89 -21.96
C ILE A 153 -19.28 -17.85 -23.06
N GLN A 154 -18.27 -18.69 -22.78
CA GLN A 154 -17.86 -19.67 -23.77
C GLN A 154 -18.94 -20.71 -24.03
N LEU A 155 -19.70 -21.08 -23.00
CA LEU A 155 -20.79 -22.03 -23.15
C LEU A 155 -22.06 -21.40 -23.70
N TYR A 156 -22.25 -20.10 -23.49
CA TYR A 156 -23.46 -19.38 -23.92
C TYR A 156 -23.05 -18.07 -24.59
N PRO A 157 -22.43 -18.15 -25.77
CA PRO A 157 -21.88 -16.92 -26.39
C PRO A 157 -22.94 -15.95 -26.91
N ASN A 158 -24.05 -16.46 -27.44
CA ASN A 158 -24.99 -15.62 -28.19
C ASN A 158 -26.37 -15.58 -27.52
N GLU A 159 -26.41 -15.88 -26.22
CA GLU A 159 -27.61 -15.76 -25.40
C GLU A 159 -27.14 -15.42 -23.99
N PHE A 160 -28.05 -14.87 -23.18
CA PHE A 160 -27.69 -14.61 -21.79
C PHE A 160 -27.22 -15.90 -21.14
N PRO A 161 -26.12 -15.89 -20.36
CA PRO A 161 -25.36 -14.74 -19.84
C PRO A 161 -24.27 -14.23 -20.76
N GLY A 162 -24.19 -14.76 -21.96
CA GLY A 162 -23.42 -14.15 -23.01
C GLY A 162 -24.17 -12.96 -23.56
N SER A 163 -23.97 -12.68 -24.85
CA SER A 163 -24.51 -11.49 -25.49
C SER A 163 -25.66 -11.88 -26.39
N ASP A 164 -26.88 -11.67 -25.90
CA ASP A 164 -28.06 -11.82 -26.74
C ASP A 164 -28.08 -10.68 -27.76
N PRO A 165 -28.27 -10.97 -29.06
CA PRO A 165 -28.23 -9.88 -30.05
C PRO A 165 -29.34 -8.83 -29.87
N ARG A 166 -30.33 -9.08 -29.03
CA ARG A 166 -31.38 -8.10 -28.74
C ARG A 166 -31.05 -7.23 -27.54
N ASP A 167 -29.89 -7.42 -26.90
CA ASP A 167 -29.55 -6.60 -25.75
C ASP A 167 -29.26 -5.16 -26.15
N CYS A 168 -29.41 -4.27 -25.18
CA CYS A 168 -29.05 -2.88 -25.39
C CYS A 168 -27.53 -2.74 -25.43
N PRO A 169 -26.99 -1.96 -26.37
CA PRO A 169 -25.56 -1.64 -26.33
C PRO A 169 -25.16 -1.07 -24.98
N ARG A 170 -23.96 -1.42 -24.52
CA ARG A 170 -23.54 -1.01 -23.19
C ARG A 170 -23.56 0.51 -23.02
N ASP A 171 -23.35 1.27 -24.10
CA ASP A 171 -23.24 2.72 -24.01
C ASP A 171 -24.39 3.43 -24.72
N LEU A 172 -25.47 2.73 -25.00
CA LEU A 172 -26.64 3.43 -25.53
C LEU A 172 -27.33 4.16 -24.39
N PRO A 173 -27.61 5.46 -24.53
CA PRO A 173 -28.25 6.20 -23.44
C PRO A 173 -29.56 5.55 -23.02
N LYS A 174 -29.81 5.57 -21.71
CA LYS A 174 -31.01 4.94 -21.15
C LYS A 174 -32.28 5.45 -21.82
N ASN A 175 -32.38 6.77 -22.00
CA ASN A 175 -33.58 7.31 -22.64
C ASN A 175 -33.73 6.77 -24.06
N ALA A 176 -32.62 6.62 -24.77
CA ALA A 176 -32.69 6.08 -26.13
C ALA A 176 -33.06 4.61 -26.10
N ALA A 177 -32.48 3.85 -25.16
CA ALA A 177 -32.76 2.42 -25.05
C ALA A 177 -34.23 2.17 -24.73
N LEU A 178 -34.82 3.02 -23.89
CA LEU A 178 -36.24 2.86 -23.56
C LEU A 178 -37.12 3.06 -24.79
N LYS A 179 -36.76 4.01 -25.65
CA LYS A 179 -37.55 4.26 -26.85
C LYS A 179 -37.34 3.18 -27.89
N LEU A 180 -36.17 2.52 -27.87
CA LEU A 180 -35.84 1.53 -28.87
C LEU A 180 -36.47 0.18 -28.56
N GLY A 181 -36.62 -0.15 -27.28
CA GLY A 181 -37.18 -1.42 -26.90
C GLY A 181 -36.21 -2.58 -26.91
N CYS A 182 -34.90 -2.32 -26.86
CA CYS A 182 -33.95 -3.41 -26.66
C CYS A 182 -34.24 -4.07 -25.30
N ILE A 183 -33.98 -5.37 -25.21
CA ILE A 183 -34.72 -6.19 -24.25
C ILE A 183 -34.41 -5.86 -22.78
N ASN A 184 -33.23 -5.32 -22.46
CA ASN A 184 -32.92 -4.95 -21.09
C ASN A 184 -32.96 -3.43 -20.85
N ALA A 185 -33.71 -2.69 -21.67
CA ALA A 185 -33.72 -1.24 -21.59
C ALA A 185 -34.19 -0.73 -20.22
N GLU A 186 -35.09 -1.46 -19.57
CA GLU A 186 -35.64 -1.02 -18.30
C GLU A 186 -34.73 -1.33 -17.11
N TYR A 187 -33.56 -1.92 -17.34
CA TYR A 187 -32.66 -2.32 -16.24
C TYR A 187 -31.23 -1.84 -16.48
N PRO A 188 -31.03 -0.53 -16.62
CA PRO A 188 -29.67 0.00 -16.66
C PRO A 188 -29.04 -0.04 -15.27
N ASP A 189 -27.72 0.13 -15.22
CA ASP A 189 -27.10 0.24 -13.91
C ASP A 189 -27.30 1.66 -13.37
N SER A 190 -26.69 1.95 -12.22
CA SER A 190 -26.90 3.23 -11.54
CA SER A 190 -26.90 3.23 -11.55
C SER A 190 -26.34 4.41 -12.33
N PHE A 191 -25.49 4.16 -13.34
CA PHE A 191 -24.95 5.21 -14.18
C PHE A 191 -25.70 5.31 -15.51
N GLY A 192 -26.80 4.57 -15.66
CA GLY A 192 -27.55 4.55 -16.90
C GLY A 192 -26.93 3.74 -18.01
N HIS A 193 -26.04 2.80 -17.69
CA HIS A 193 -25.39 1.95 -18.67
C HIS A 193 -25.98 0.54 -18.65
N TYR A 194 -25.70 -0.22 -19.70
CA TYR A 194 -26.24 -1.56 -19.86
C TYR A 194 -25.13 -2.60 -19.78
N ARG A 195 -25.53 -3.84 -19.53
CA ARG A 195 -24.58 -4.86 -19.16
C ARG A 195 -23.66 -5.21 -20.33
N GLU A 196 -22.43 -5.58 -20.00
CA GLU A 196 -21.50 -6.20 -20.92
C GLU A 196 -21.16 -7.58 -20.37
N ALA A 197 -21.43 -8.62 -21.17
CA ALA A 197 -21.32 -9.99 -20.67
C ALA A 197 -19.94 -10.26 -20.06
N LYS A 198 -18.89 -9.84 -20.75
CA LYS A 198 -17.53 -10.16 -20.28
C LYS A 198 -17.21 -9.48 -18.95
N PHE A 199 -17.89 -8.37 -18.63
CA PHE A 199 -17.67 -7.72 -17.35
C PHE A 199 -18.54 -8.28 -16.22
N SER A 200 -19.62 -9.01 -16.55
CA SER A 200 -20.43 -9.64 -15.51
C SER A 200 -19.89 -11.01 -15.09
N GLN A 201 -19.02 -11.62 -15.90
CA GLN A 201 -18.69 -13.02 -15.70
C GLN A 201 -17.90 -13.26 -14.41
N THR A 202 -17.00 -12.34 -14.04
CA THR A 202 -16.13 -12.63 -12.90
C THR A 202 -16.94 -12.74 -11.60
N LYS A 203 -17.93 -11.86 -11.41
CA LYS A 203 -18.77 -11.91 -10.22
C LYS A 203 -19.63 -13.18 -10.20
N HIS A 204 -20.15 -13.57 -11.36
CA HIS A 204 -20.92 -14.82 -11.45
C HIS A 204 -20.05 -16.00 -11.07
N HIS A 205 -18.86 -16.06 -11.65
CA HIS A 205 -17.95 -17.18 -11.41
C HIS A 205 -17.56 -17.25 -9.93
N TRP A 206 -17.30 -16.09 -9.32
CA TRP A 206 -16.90 -16.05 -7.91
C TRP A 206 -18.00 -16.59 -7.02
N TRP A 207 -19.24 -16.14 -7.24
CA TRP A 207 -20.34 -16.56 -6.37
C TRP A 207 -20.72 -18.03 -6.63
N TRP A 208 -20.73 -18.45 -7.90
CA TRP A 208 -21.01 -19.85 -8.21
C TRP A 208 -19.99 -20.76 -7.55
N LYS A 209 -18.69 -20.43 -7.64
CA LYS A 209 -17.74 -21.42 -7.16
C LYS A 209 -17.69 -21.46 -5.65
N LEU A 210 -18.06 -20.36 -4.97
CA LEU A 210 -18.17 -20.39 -3.51
C LEU A 210 -19.20 -21.42 -3.08
N HIS A 211 -20.38 -21.38 -3.72
CA HIS A 211 -21.40 -22.39 -3.49
C HIS A 211 -20.91 -23.78 -3.90
N PHE A 212 -20.28 -23.89 -5.07
CA PHE A 212 -19.97 -25.22 -5.59
C PHE A 212 -19.00 -25.96 -4.69
N VAL A 213 -17.95 -25.28 -4.21
CA VAL A 213 -16.97 -26.01 -3.41
C VAL A 213 -17.52 -26.37 -2.03
N TRP A 214 -18.37 -25.52 -1.45
CA TRP A 214 -18.89 -25.86 -0.13
C TRP A 214 -20.07 -26.83 -0.17
N GLU A 215 -20.81 -26.91 -1.27
CA GLU A 215 -22.03 -27.71 -1.30
C GLU A 215 -22.00 -28.89 -2.27
N ARG A 216 -21.21 -28.83 -3.35
CA ARG A 216 -21.34 -29.78 -4.44
C ARG A 216 -20.09 -30.61 -4.71
N VAL A 217 -18.97 -30.33 -4.05
CA VAL A 217 -17.75 -31.11 -4.22
C VAL A 217 -17.76 -32.29 -3.25
N LYS A 218 -17.80 -33.51 -3.80
CA LYS A 218 -18.05 -34.68 -2.99
C LYS A 218 -16.96 -34.88 -1.94
N ILE A 219 -15.70 -34.62 -2.29
CA ILE A 219 -14.60 -34.88 -1.35
C ILE A 219 -14.65 -33.92 -0.16
N LEU A 220 -15.39 -32.82 -0.28
CA LEU A 220 -15.51 -31.83 0.79
C LEU A 220 -16.78 -32.02 1.62
N ARG A 221 -17.48 -33.14 1.46
CA ARG A 221 -18.59 -33.45 2.36
C ARG A 221 -18.13 -33.39 3.81
N ASP A 222 -18.83 -32.62 4.62
CA ASP A 222 -18.55 -32.47 6.06
C ASP A 222 -17.16 -31.90 6.32
N TYR A 223 -16.53 -31.28 5.32
CA TYR A 223 -15.24 -30.63 5.53
C TYR A 223 -15.34 -29.61 6.65
N ALA A 224 -14.37 -29.65 7.56
CA ALA A 224 -14.38 -28.79 8.74
C ALA A 224 -13.20 -27.83 8.81
N GLY A 225 -12.42 -27.71 7.74
CA GLY A 225 -11.31 -26.77 7.70
C GLY A 225 -11.73 -25.45 7.07
N LEU A 226 -10.74 -24.70 6.60
CA LEU A 226 -10.98 -23.45 5.90
C LEU A 226 -10.69 -23.62 4.43
N ILE A 227 -11.32 -22.77 3.62
CA ILE A 227 -11.10 -22.76 2.18
C ILE A 227 -10.55 -21.38 1.83
N LEU A 228 -9.40 -21.36 1.16
CA LEU A 228 -8.70 -20.13 0.86
C LEU A 228 -8.86 -19.83 -0.63
N PHE A 229 -9.41 -18.66 -0.93
CA PHE A 229 -9.77 -18.26 -2.29
C PHE A 229 -8.71 -17.34 -2.89
N LEU A 230 -8.21 -17.71 -4.06
CA LEU A 230 -7.23 -16.89 -4.75
C LEU A 230 -7.47 -16.98 -6.24
N GLU A 231 -6.58 -16.35 -7.00
CA GLU A 231 -6.78 -16.14 -8.42
C GLU A 231 -5.54 -16.53 -9.21
N GLU A 232 -5.74 -16.69 -10.52
CA GLU A 232 -4.72 -17.24 -11.40
C GLU A 232 -3.45 -16.41 -11.45
N ASP A 233 -3.54 -15.11 -11.12
CA ASP A 233 -2.40 -14.20 -11.22
C ASP A 233 -1.88 -13.81 -9.84
N HIS A 234 -2.01 -14.72 -8.88
CA HIS A 234 -1.38 -14.59 -7.57
C HIS A 234 -0.17 -15.51 -7.46
N TYR A 235 0.67 -15.20 -6.46
CA TYR A 235 1.90 -15.92 -6.20
C TYR A 235 1.97 -16.12 -4.69
N LEU A 236 2.11 -17.38 -4.26
CA LEU A 236 2.16 -17.68 -2.84
C LEU A 236 3.61 -17.75 -2.33
N ALA A 237 3.82 -17.14 -1.17
CA ALA A 237 5.11 -17.26 -0.48
C ALA A 237 5.34 -18.70 -0.01
N PRO A 238 6.59 -19.15 0.03
CA PRO A 238 6.84 -20.56 0.39
C PRO A 238 6.39 -20.96 1.79
N ASP A 239 6.32 -20.03 2.74
CA ASP A 239 5.83 -20.37 4.07
C ASP A 239 4.34 -20.07 4.24
N PHE A 240 3.57 -19.96 3.16
CA PHE A 240 2.18 -19.52 3.31
C PHE A 240 1.37 -20.49 4.14
N TYR A 241 1.64 -21.80 3.99
CA TYR A 241 0.86 -22.79 4.71
C TYR A 241 1.35 -22.91 6.14
N HIS A 242 2.66 -22.92 6.33
CA HIS A 242 3.24 -22.77 7.66
C HIS A 242 2.59 -21.60 8.40
N VAL A 243 2.50 -20.44 7.75
CA VAL A 243 1.93 -19.26 8.41
C VAL A 243 0.43 -19.41 8.59
N PHE A 244 -0.27 -19.96 7.61
CA PHE A 244 -1.72 -20.11 7.76
C PHE A 244 -2.05 -20.91 9.00
N LYS A 245 -1.37 -22.03 9.22
CA LYS A 245 -1.70 -22.90 10.34
C LYS A 245 -1.50 -22.16 11.66
N LYS A 246 -0.42 -21.39 11.78
CA LYS A 246 -0.21 -20.62 13.00
C LYS A 246 -1.21 -19.48 13.11
N MET A 247 -1.61 -18.90 11.98
CA MET A 247 -2.63 -17.85 12.02
C MET A 247 -3.94 -18.40 12.55
N TRP A 248 -4.32 -19.60 12.11
CA TRP A 248 -5.59 -20.17 12.57
C TRP A 248 -5.54 -20.49 14.06
N LYS A 249 -4.45 -21.12 14.52
CA LYS A 249 -4.29 -21.34 15.95
C LYS A 249 -4.31 -20.02 16.72
N LEU A 250 -3.66 -18.98 16.18
CA LEU A 250 -3.67 -17.69 16.84
C LEU A 250 -5.07 -17.10 16.87
N LYS A 251 -5.86 -17.31 15.81
N LYS A 251 -5.86 -17.30 15.81
CA LYS A 251 -7.25 -16.84 15.83
CA LYS A 251 -7.25 -16.86 15.81
C LYS A 251 -8.04 -17.53 16.94
C LYS A 251 -8.02 -17.53 16.94
N GLN A 252 -7.88 -18.86 17.05
CA GLN A 252 -8.57 -19.59 18.11
C GLN A 252 -8.16 -19.12 19.51
N GLN A 253 -6.89 -18.75 19.68
CA GLN A 253 -6.38 -18.42 21.00
C GLN A 253 -6.68 -16.97 21.39
N GLU A 254 -6.59 -16.04 20.43
CA GLU A 254 -6.55 -14.62 20.75
C GLU A 254 -7.52 -13.76 19.96
N CYS A 255 -8.17 -14.27 18.92
CA CYS A 255 -9.13 -13.48 18.15
C CYS A 255 -10.38 -14.28 17.83
N PRO A 256 -11.18 -14.61 18.84
CA PRO A 256 -12.48 -15.23 18.54
C PRO A 256 -13.40 -14.32 17.75
N GLU A 257 -13.22 -13.01 17.86
CA GLU A 257 -14.02 -12.06 17.09
C GLU A 257 -13.63 -12.02 15.61
N CYS A 258 -12.57 -12.71 15.22
CA CYS A 258 -12.12 -12.69 13.83
C CYS A 258 -12.99 -13.60 12.98
N ASP A 259 -13.45 -13.09 11.84
CA ASP A 259 -14.32 -13.84 10.94
C ASP A 259 -13.55 -14.55 9.83
N VAL A 260 -12.51 -13.92 9.32
CA VAL A 260 -11.79 -14.39 8.14
C VAL A 260 -10.30 -14.16 8.33
N LEU A 261 -9.52 -14.90 7.54
CA LEU A 261 -8.07 -14.73 7.46
C LEU A 261 -7.72 -14.28 6.06
N SER A 262 -6.69 -13.44 5.98
CA SER A 262 -6.12 -13.05 4.69
C SER A 262 -4.63 -13.37 4.71
N LEU A 263 -4.10 -13.83 3.58
CA LEU A 263 -2.66 -14.11 3.53
C LEU A 263 -1.80 -12.88 3.35
N GLY A 264 -2.37 -11.72 3.07
CA GLY A 264 -1.57 -10.52 2.97
C GLY A 264 -2.26 -9.45 2.15
N THR A 265 -1.79 -8.22 2.36
CA THR A 265 -2.19 -7.03 1.62
C THR A 265 -1.13 -6.72 0.55
N TYR A 266 -1.34 -5.63 -0.20
CA TYR A 266 -0.53 -5.28 -1.36
C TYR A 266 0.67 -4.44 -0.99
N SER A 267 1.34 -4.74 0.11
CA SER A 267 2.50 -3.96 0.51
C SER A 267 3.60 -4.81 1.10
N SER A 269 7.34 -3.61 2.08
CA SER A 269 8.63 -3.40 2.70
C SER A 269 9.72 -4.16 1.94
N ARG A 270 10.89 -3.54 1.80
CA ARG A 270 12.03 -4.22 1.17
C ARG A 270 12.66 -5.23 2.12
N SER A 271 12.72 -4.91 3.40
CA SER A 271 13.24 -5.80 4.44
C SER A 271 12.10 -6.24 5.35
N PHE A 272 12.09 -7.52 5.71
CA PHE A 272 11.03 -8.06 6.55
C PHE A 272 11.38 -8.09 8.03
N TYR A 273 12.54 -7.54 8.42
CA TYR A 273 13.01 -7.59 9.80
C TYR A 273 11.96 -7.09 10.78
N GLY A 274 11.73 -7.87 11.84
CA GLY A 274 10.81 -7.49 12.89
C GLY A 274 9.34 -7.56 12.54
N MET A 275 8.99 -7.94 11.30
CA MET A 275 7.59 -7.91 10.88
C MET A 275 7.07 -9.22 10.35
N ALA A 276 7.95 -10.14 9.91
CA ALA A 276 7.50 -11.38 9.28
C ALA A 276 6.81 -12.32 10.25
N ASP A 277 6.89 -12.04 11.55
CA ASP A 277 6.25 -12.83 12.59
C ASP A 277 5.02 -12.13 13.17
N LYS A 278 4.64 -10.99 12.62
CA LYS A 278 3.57 -10.15 13.17
C LYS A 278 2.28 -10.29 12.37
N VAL A 279 1.16 -10.24 13.07
CA VAL A 279 -0.14 -10.22 12.41
C VAL A 279 -0.95 -9.09 13.02
N ASP A 280 -1.89 -8.58 12.23
CA ASP A 280 -2.81 -7.53 12.69
C ASP A 280 -4.24 -8.06 12.65
N VAL A 281 -5.07 -7.51 13.54
CA VAL A 281 -6.52 -7.70 13.52
C VAL A 281 -7.12 -6.37 13.05
N LYS A 282 -7.72 -6.38 11.87
CA LYS A 282 -8.27 -5.17 11.25
C LYS A 282 -9.71 -5.42 10.82
N THR A 283 -10.45 -4.34 10.62
CA THR A 283 -11.72 -4.46 9.92
C THR A 283 -11.42 -4.82 8.47
N TRP A 284 -12.15 -5.82 7.93
CA TRP A 284 -11.90 -6.26 6.57
C TRP A 284 -12.28 -5.15 5.57
N LYS A 285 -11.40 -4.89 4.62
CA LYS A 285 -11.62 -3.86 3.61
C LYS A 285 -11.26 -4.43 2.24
N SER A 286 -12.16 -4.26 1.27
CA SER A 286 -12.04 -5.01 0.02
C SER A 286 -10.76 -4.67 -0.74
N THR A 287 -10.38 -3.39 -0.76
CA THR A 287 -9.21 -3.00 -1.55
C THR A 287 -7.91 -3.51 -0.94
N GLU A 288 -7.92 -3.85 0.34
CA GLU A 288 -6.71 -4.31 1.02
C GLU A 288 -6.67 -5.81 1.25
N HIS A 289 -7.83 -6.46 1.39
CA HIS A 289 -7.87 -7.82 1.92
C HIS A 289 -8.56 -8.81 0.98
N ASN A 290 -8.54 -8.54 -0.32
CA ASN A 290 -9.25 -9.41 -1.25
C ASN A 290 -8.38 -10.54 -1.79
N MET A 291 -7.09 -10.59 -1.45
CA MET A 291 -6.20 -11.66 -1.91
C MET A 291 -6.10 -12.75 -0.86
N GLY A 292 -6.23 -14.00 -1.29
CA GLY A 292 -5.95 -15.12 -0.41
C GLY A 292 -6.81 -15.08 0.84
N LEU A 293 -8.11 -15.05 0.61
CA LEU A 293 -9.12 -14.90 1.64
C LEU A 293 -9.57 -16.28 2.08
N ALA A 294 -9.39 -16.60 3.37
CA ALA A 294 -9.71 -17.92 3.90
C ALA A 294 -10.97 -17.84 4.75
N LEU A 295 -11.94 -18.69 4.42
CA LEU A 295 -13.26 -18.70 5.05
C LEU A 295 -13.48 -20.04 5.77
N THR A 296 -14.07 -19.95 6.96
CA THR A 296 -14.65 -21.11 7.62
C THR A 296 -16.03 -21.41 7.01
N ARG A 297 -16.56 -22.59 7.33
CA ARG A 297 -17.93 -22.87 6.91
C ARG A 297 -18.90 -21.87 7.52
N ASN A 298 -18.68 -21.50 8.79
CA ASN A 298 -19.55 -20.51 9.45
C ASN A 298 -19.53 -19.18 8.71
N ALA A 299 -18.35 -18.71 8.34
CA ALA A 299 -18.23 -17.45 7.61
C ALA A 299 -18.92 -17.52 6.27
N TYR A 300 -18.77 -18.66 5.58
CA TYR A 300 -19.46 -18.86 4.31
C TYR A 300 -20.97 -18.85 4.51
N GLN A 301 -21.46 -19.55 5.54
CA GLN A 301 -22.91 -19.60 5.76
C GLN A 301 -23.46 -18.22 6.08
N LYS A 302 -22.69 -17.38 6.78
CA LYS A 302 -23.15 -16.03 7.07
C LYS A 302 -23.19 -15.17 5.80
N LEU A 303 -22.25 -15.36 4.88
CA LEU A 303 -22.30 -14.67 3.60
C LEU A 303 -23.54 -15.03 2.79
N ILE A 304 -23.89 -16.33 2.74
CA ILE A 304 -25.03 -16.68 1.91
C ILE A 304 -26.35 -16.24 2.52
N GLU A 305 -26.38 -15.90 3.82
CA GLU A 305 -27.54 -15.23 4.37
CA GLU A 305 -27.56 -15.23 4.35
C GLU A 305 -27.79 -13.89 3.70
N CYS A 306 -26.79 -13.36 3.00
CA CYS A 306 -26.90 -12.12 2.25
C CYS A 306 -26.90 -12.34 0.74
N THR A 307 -27.45 -13.46 0.30
CA THR A 307 -27.41 -13.80 -1.12
C THR A 307 -28.12 -12.77 -1.99
N ASP A 308 -29.34 -12.40 -1.62
CA ASP A 308 -30.07 -11.48 -2.47
C ASP A 308 -29.34 -10.14 -2.54
N THR A 309 -28.76 -9.70 -1.42
CA THR A 309 -28.02 -8.44 -1.41
C THR A 309 -26.77 -8.52 -2.29
N PHE A 310 -25.99 -9.61 -2.16
CA PHE A 310 -24.84 -9.81 -3.04
C PHE A 310 -25.24 -9.80 -4.50
N CYS A 311 -26.30 -10.53 -4.82
CA CYS A 311 -26.65 -10.73 -6.22
C CYS A 311 -27.40 -9.56 -6.85
N THR A 312 -27.93 -8.62 -6.08
CA THR A 312 -28.63 -7.47 -6.67
C THR A 312 -27.88 -6.17 -6.53
N TYR A 313 -26.86 -6.11 -5.68
CA TYR A 313 -26.12 -4.88 -5.49
C TYR A 313 -25.37 -4.49 -6.75
N ASP A 314 -25.53 -3.22 -7.17
CA ASP A 314 -25.09 -2.76 -8.48
C ASP A 314 -23.58 -2.45 -8.48
N ASP A 315 -22.81 -3.53 -8.42
CA ASP A 315 -21.36 -3.46 -8.55
C ASP A 315 -20.90 -4.78 -9.14
N TYR A 316 -20.28 -4.74 -10.33
CA TYR A 316 -19.86 -5.99 -10.93
C TYR A 316 -18.59 -6.57 -10.30
N ASN A 317 -18.03 -5.94 -9.27
CA ASN A 317 -16.87 -6.48 -8.55
C ASN A 317 -17.33 -7.33 -7.36
N TRP A 318 -16.91 -8.59 -7.33
CA TRP A 318 -17.28 -9.42 -6.19
C TRP A 318 -16.75 -8.85 -4.89
N ASP A 319 -15.57 -8.23 -4.91
CA ASP A 319 -14.98 -7.78 -3.66
C ASP A 319 -15.63 -6.50 -3.17
N TRP A 320 -15.89 -5.53 -4.05
CA TRP A 320 -16.65 -4.35 -3.65
C TRP A 320 -18.06 -4.73 -3.21
N THR A 321 -18.65 -5.76 -3.82
CA THR A 321 -19.95 -6.23 -3.35
C THR A 321 -19.84 -6.78 -1.93
N LEU A 322 -18.79 -7.58 -1.65
CA LEU A 322 -18.56 -8.01 -0.27
C LEU A 322 -18.35 -6.82 0.67
N GLN A 323 -17.62 -5.80 0.22
CA GLN A 323 -17.48 -4.60 1.05
C GLN A 323 -18.84 -4.05 1.44
N TYR A 324 -19.75 -3.91 0.46
CA TYR A 324 -21.09 -3.42 0.76
C TYR A 324 -21.82 -4.33 1.75
N LEU A 325 -21.71 -5.65 1.56
CA LEU A 325 -22.34 -6.61 2.47
C LEU A 325 -21.86 -6.42 3.91
N THR A 326 -20.53 -6.29 4.12
CA THR A 326 -20.05 -6.16 5.49
C THR A 326 -20.58 -4.91 6.16
N VAL A 327 -20.93 -3.89 5.39
CA VAL A 327 -21.41 -2.65 5.97
C VAL A 327 -22.93 -2.62 6.13
N SER A 328 -23.68 -3.30 5.27
CA SER A 328 -25.12 -3.14 5.12
CA SER A 328 -25.11 -3.11 5.21
C SER A 328 -25.93 -4.37 5.46
N CYS A 329 -25.37 -5.56 5.32
CA CYS A 329 -26.17 -6.77 5.45
C CYS A 329 -25.69 -7.69 6.57
N LEU A 330 -24.39 -7.84 6.75
CA LEU A 330 -23.91 -8.60 7.90
C LEU A 330 -24.23 -7.85 9.20
N PRO A 331 -24.42 -8.57 10.31
CA PRO A 331 -24.74 -7.88 11.57
C PRO A 331 -23.55 -7.16 12.18
N LYS A 332 -22.33 -7.62 11.89
CA LYS A 332 -21.12 -6.94 12.30
C LYS A 332 -20.19 -6.81 11.11
N PHE A 333 -19.34 -5.78 11.13
CA PHE A 333 -18.28 -5.69 10.12
C PHE A 333 -17.40 -6.93 10.23
N TRP A 334 -16.96 -7.45 9.08
CA TRP A 334 -15.97 -8.51 9.10
C TRP A 334 -14.69 -8.01 9.78
N LYS A 335 -14.10 -8.85 10.62
CA LYS A 335 -12.75 -8.62 11.13
C LYS A 335 -11.84 -9.68 10.55
N VAL A 336 -10.65 -9.25 10.15
CA VAL A 336 -9.70 -10.10 9.44
C VAL A 336 -8.40 -10.14 10.23
N LEU A 337 -7.80 -11.33 10.28
CA LEU A 337 -6.43 -11.50 10.75
C LEU A 337 -5.53 -11.57 9.53
N VAL A 338 -4.50 -10.75 9.50
CA VAL A 338 -3.70 -10.62 8.28
C VAL A 338 -2.25 -10.36 8.66
N PRO A 339 -1.28 -11.03 8.05
CA PRO A 339 0.13 -10.79 8.42
C PRO A 339 0.60 -9.41 7.99
N GLN A 340 1.58 -8.88 8.74
CA GLN A 340 2.18 -7.61 8.36
C GLN A 340 3.06 -7.75 7.13
N ILE A 341 3.60 -8.94 6.89
CA ILE A 341 4.38 -9.27 5.71
C ILE A 341 3.54 -10.21 4.85
N PRO A 342 3.17 -9.84 3.63
CA PRO A 342 2.24 -10.67 2.87
C PRO A 342 2.83 -12.02 2.48
N ARG A 343 1.99 -13.03 2.51
CA ARG A 343 2.32 -14.37 2.03
C ARG A 343 1.70 -14.64 0.68
N ILE A 344 1.13 -13.64 0.03
CA ILE A 344 0.56 -13.75 -1.31
C ILE A 344 0.86 -12.43 -2.03
N PHE A 345 1.11 -12.51 -3.33
CA PHE A 345 1.48 -11.35 -4.13
C PHE A 345 0.65 -11.30 -5.40
N HIS A 346 0.36 -10.10 -5.88
CA HIS A 346 -0.45 -9.91 -7.08
C HIS A 346 0.49 -9.77 -8.27
N ALA A 347 0.69 -10.86 -9.01
CA ALA A 347 1.62 -10.82 -10.14
C ALA A 347 1.05 -10.13 -11.38
N GLY A 348 -0.27 -9.99 -11.49
CA GLY A 348 -0.86 -9.36 -12.64
C GLY A 348 -0.98 -7.85 -12.52
N ASP A 349 0.04 -7.22 -11.96
CA ASP A 349 0.07 -5.77 -11.75
C ASP A 349 1.52 -5.32 -11.83
N CYS A 350 1.79 -4.26 -12.59
CA CYS A 350 3.15 -3.77 -12.76
C CYS A 350 3.13 -2.28 -13.08
N GLY A 351 4.28 -1.64 -12.92
CA GLY A 351 4.43 -0.22 -13.20
C GLY A 351 3.81 0.69 -12.15
N CYS A 358 2.37 -6.74 -18.31
CA CYS A 358 3.47 -7.21 -17.46
C CYS A 358 4.14 -8.45 -18.03
N ARG A 359 5.46 -8.44 -18.09
CA ARG A 359 6.19 -9.68 -18.34
C ARG A 359 6.00 -10.60 -17.15
N PRO A 360 5.40 -11.77 -17.31
CA PRO A 360 5.29 -12.70 -16.17
C PRO A 360 6.65 -13.15 -15.67
N SER A 361 7.63 -13.23 -16.56
CA SER A 361 8.99 -13.61 -16.15
C SER A 361 9.63 -12.54 -15.28
N THR A 362 9.36 -11.26 -15.58
CA THR A 362 9.87 -10.19 -14.74
C THR A 362 9.26 -10.25 -13.35
N GLN A 363 7.94 -10.45 -13.28
CA GLN A 363 7.26 -10.51 -11.99
C GLN A 363 7.81 -11.63 -11.12
N SER A 364 7.98 -12.82 -11.70
CA SER A 364 8.45 -13.95 -10.90
CA SER A 364 8.47 -13.98 -10.95
C SER A 364 9.85 -13.69 -10.35
N ALA A 365 10.75 -13.12 -11.17
CA ALA A 365 12.11 -12.87 -10.68
C ALA A 365 12.12 -11.83 -9.58
N GLN A 366 11.29 -10.79 -9.70
CA GLN A 366 11.26 -9.77 -8.65
C GLN A 366 10.74 -10.35 -7.34
N ILE A 367 9.69 -11.17 -7.41
CA ILE A 367 9.16 -11.80 -6.20
C ILE A 367 10.18 -12.77 -5.63
N GLU A 368 10.82 -13.56 -6.50
CA GLU A 368 11.86 -14.49 -6.05
C GLU A 368 12.95 -13.75 -5.30
N SER A 369 13.38 -12.61 -5.82
CA SER A 369 14.44 -11.83 -5.17
C SER A 369 13.98 -11.32 -3.82
N LEU A 370 12.76 -10.77 -3.75
CA LEU A 370 12.26 -10.21 -2.51
C LEU A 370 12.18 -11.28 -1.42
N LEU A 371 11.60 -12.44 -1.75
CA LEU A 371 11.42 -13.50 -0.77
C LEU A 371 12.74 -14.14 -0.38
N ASN A 372 13.62 -14.39 -1.34
CA ASN A 372 14.88 -15.07 -1.02
C ASN A 372 15.81 -14.14 -0.25
N ASN A 373 15.85 -12.87 -0.61
CA ASN A 373 16.67 -11.90 0.13
C ASN A 373 16.22 -11.80 1.58
N ASN A 374 14.95 -12.11 1.86
CA ASN A 374 14.41 -12.09 3.21
C ASN A 374 14.25 -13.47 3.81
N LYS A 375 14.93 -14.47 3.25
CA LYS A 375 14.72 -15.87 3.62
C LYS A 375 14.86 -16.10 5.13
N GLN A 376 15.76 -15.36 5.78
CA GLN A 376 16.04 -15.61 7.20
C GLN A 376 14.86 -15.29 8.09
N TYR A 377 13.90 -14.52 7.59
CA TYR A 377 12.73 -14.10 8.37
C TYR A 377 11.50 -14.95 8.09
N MET A 378 11.55 -15.84 7.10
CA MET A 378 10.37 -16.62 6.77
C MET A 378 10.30 -17.85 7.67
N PHE A 379 9.15 -18.54 7.62
CA PHE A 379 8.85 -19.62 8.54
C PHE A 379 9.05 -19.20 10.00
N PRO A 380 8.36 -18.15 10.46
CA PRO A 380 8.51 -17.72 11.86
C PRO A 380 8.02 -18.80 12.81
N GLU A 381 8.77 -18.97 13.91
CA GLU A 381 8.41 -20.00 14.88
C GLU A 381 7.13 -19.65 15.61
N THR A 382 6.87 -18.36 15.80
CA THR A 382 5.73 -17.90 16.59
C THR A 382 5.15 -16.66 15.92
N LEU A 383 3.82 -16.59 15.83
CA LEU A 383 3.14 -15.39 15.39
C LEU A 383 2.55 -14.65 16.58
N THR A 384 2.61 -13.33 16.53
CA THR A 384 2.11 -12.47 17.59
C THR A 384 1.20 -11.41 16.96
N ILE A 385 0.11 -11.08 17.65
CA ILE A 385 -0.76 -9.99 17.22
C ILE A 385 -0.12 -8.67 17.62
N SER A 386 0.16 -7.83 16.63
CA SER A 386 0.86 -6.58 16.84
C SER A 386 -0.06 -5.37 16.89
N GLU A 387 -1.05 -5.31 16.00
CA GLU A 387 -1.91 -4.14 15.90
C GLU A 387 -3.37 -4.56 15.84
N LYS A 388 -4.23 -3.71 16.37
CA LYS A 388 -5.67 -3.86 16.21
C LYS A 388 -6.25 -2.52 15.75
N PHE A 389 -6.99 -2.56 14.64
CA PHE A 389 -7.55 -1.38 13.97
C PHE A 389 -9.03 -1.69 13.77
N THR A 390 -9.90 -1.09 14.58
CA THR A 390 -11.31 -1.46 14.66
C THR A 390 -12.17 -0.30 14.19
N VAL A 391 -12.82 -0.47 13.03
CA VAL A 391 -13.72 0.54 12.49
C VAL A 391 -15.07 0.42 13.18
N VAL A 392 -15.55 1.51 13.77
CA VAL A 392 -16.84 1.52 14.43
C VAL A 392 -17.93 2.03 13.49
N ALA A 393 -17.62 3.04 12.68
CA ALA A 393 -18.56 3.55 11.69
C ALA A 393 -17.81 3.84 10.41
N ILE A 394 -18.48 3.57 9.28
CA ILE A 394 -17.84 3.68 7.97
C ILE A 394 -18.91 4.03 6.94
N SER A 395 -18.51 4.79 5.92
CA SER A 395 -19.44 5.07 4.83
C SER A 395 -19.50 3.86 3.90
N PRO A 396 -20.67 3.57 3.33
CA PRO A 396 -20.72 2.52 2.32
C PRO A 396 -19.93 2.94 1.10
N PRO A 397 -19.42 1.97 0.33
CA PRO A 397 -18.69 2.32 -0.90
C PRO A 397 -19.64 2.90 -1.93
N ARG A 398 -19.10 3.70 -2.84
CA ARG A 398 -19.87 4.10 -4.01
C ARG A 398 -19.95 2.92 -4.97
N LYS A 399 -21.11 2.76 -5.60
CA LYS A 399 -21.32 1.67 -6.55
C LYS A 399 -20.44 1.87 -7.78
N ASN A 400 -19.78 0.79 -8.20
CA ASN A 400 -19.00 0.85 -9.43
C ASN A 400 -19.84 0.50 -10.65
N GLY A 401 -21.10 0.09 -10.47
CA GLY A 401 -21.99 -0.17 -11.58
C GLY A 401 -21.73 -1.52 -12.24
N GLY A 402 -22.28 -1.68 -13.45
CA GLY A 402 -22.12 -2.92 -14.19
C GLY A 402 -22.99 -4.07 -13.77
N TRP A 403 -23.92 -3.87 -12.83
CA TRP A 403 -24.68 -4.99 -12.29
C TRP A 403 -26.12 -4.56 -12.04
N GLY A 404 -26.74 -3.93 -13.04
CA GLY A 404 -28.13 -3.51 -12.94
C GLY A 404 -29.09 -4.46 -13.61
N ASP A 405 -28.58 -5.45 -14.33
CA ASP A 405 -29.44 -6.26 -15.19
C ASP A 405 -30.11 -7.36 -14.36
N ILE A 406 -31.44 -7.40 -14.36
CA ILE A 406 -32.13 -8.36 -13.50
C ILE A 406 -31.78 -9.79 -13.88
N ARG A 407 -31.32 -10.03 -15.11
CA ARG A 407 -30.94 -11.40 -15.47
C ARG A 407 -29.66 -11.79 -14.76
N ASP A 408 -28.73 -10.85 -14.58
CA ASP A 408 -27.56 -11.12 -13.77
C ASP A 408 -27.97 -11.38 -12.33
N HIS A 409 -28.90 -10.56 -11.80
CA HIS A 409 -29.39 -10.77 -10.44
C HIS A 409 -29.97 -12.18 -10.29
N GLU A 410 -30.84 -12.58 -11.23
CA GLU A 410 -31.55 -13.85 -11.06
CA GLU A 410 -31.56 -13.85 -11.09
C GLU A 410 -30.63 -15.06 -11.25
N LEU A 411 -29.70 -15.00 -12.21
CA LEU A 411 -28.77 -16.12 -12.39
C LEU A 411 -27.90 -16.29 -11.15
N CYS A 412 -27.43 -15.16 -10.61
CA CYS A 412 -26.62 -15.19 -9.40
C CYS A 412 -27.38 -15.82 -8.23
N LYS A 413 -28.65 -15.46 -8.07
CA LYS A 413 -29.49 -16.02 -7.01
C LYS A 413 -29.84 -17.50 -7.24
N SER A 414 -29.66 -18.02 -8.44
CA SER A 414 -30.11 -19.38 -8.76
CA SER A 414 -30.12 -19.37 -8.73
C SER A 414 -29.11 -20.46 -8.39
N TYR A 415 -27.82 -20.12 -8.25
CA TYR A 415 -26.79 -21.16 -8.16
C TYR A 415 -27.10 -22.19 -7.08
N ARG A 416 -27.48 -21.73 -5.88
CA ARG A 416 -27.77 -22.69 -4.83
C ARG A 416 -29.12 -23.38 -4.98
N ARG A 417 -29.94 -22.98 -5.95
CA ARG A 417 -31.26 -23.59 -6.10
C ARG A 417 -31.33 -24.60 -7.24
N LEU A 418 -30.44 -24.53 -8.22
CA LEU A 418 -30.56 -25.39 -9.40
C LEU A 418 -30.20 -26.84 -9.08
N GLN A 419 -30.53 -27.72 -10.04
CA GLN A 419 -30.27 -29.16 -10.05
C GLN A 419 -31.28 -29.90 -9.20
N ALA B 50 49.69 45.39 -6.62
CA ALA B 50 48.40 46.07 -6.71
C ALA B 50 47.27 45.08 -6.54
N VAL B 51 47.33 43.98 -7.26
CA VAL B 51 46.32 42.93 -7.13
C VAL B 51 46.45 42.35 -5.74
N PRO B 52 45.40 42.37 -4.92
CA PRO B 52 45.46 41.72 -3.61
C PRO B 52 45.85 40.26 -3.75
N GLN B 53 46.66 39.79 -2.80
CA GLN B 53 46.93 38.36 -2.70
C GLN B 53 45.63 37.58 -2.54
N PRO B 54 45.46 36.48 -3.26
CA PRO B 54 44.23 35.70 -3.11
C PRO B 54 44.18 35.03 -1.75
N GLU B 55 42.95 34.76 -1.30
CA GLU B 55 42.75 33.87 -0.17
C GLU B 55 43.26 32.49 -0.53
N ALA B 56 43.82 31.79 0.46
CA ALA B 56 44.20 30.41 0.23
C ALA B 56 42.97 29.56 -0.09
N ASP B 57 43.16 28.60 -0.98
CA ASP B 57 42.05 27.75 -1.42
C ASP B 57 41.55 26.89 -0.26
N ASN B 58 40.26 27.03 0.09
CA ASN B 58 39.69 26.22 1.16
C ASN B 58 38.20 26.07 0.92
N LEU B 59 37.83 24.96 0.28
CA LEU B 59 36.43 24.72 -0.07
C LEU B 59 35.55 24.66 1.18
N THR B 60 36.02 24.03 2.26
CA THR B 60 35.23 23.91 3.48
C THR B 60 34.82 25.28 4.01
N LEU B 61 35.76 26.21 4.08
CA LEU B 61 35.46 27.56 4.54
C LEU B 61 34.42 28.22 3.63
N ARG B 62 34.55 28.05 2.32
CA ARG B 62 33.58 28.70 1.42
C ARG B 62 32.19 28.14 1.65
N TYR B 63 32.09 26.82 1.83
CA TYR B 63 30.77 26.20 2.05
C TYR B 63 30.15 26.63 3.37
N ARG B 64 30.94 26.67 4.45
CA ARG B 64 30.42 27.13 5.73
C ARG B 64 29.94 28.58 5.62
N SER B 65 30.69 29.41 4.89
CA SER B 65 30.33 30.81 4.68
C SER B 65 29.00 30.92 3.94
N LEU B 66 28.84 30.15 2.85
CA LEU B 66 27.62 30.18 2.06
C LEU B 66 26.41 29.76 2.87
N VAL B 67 26.56 28.67 3.64
CA VAL B 67 25.45 28.14 4.42
C VAL B 67 24.98 29.16 5.45
N TYR B 68 25.94 29.76 6.17
CA TYR B 68 25.56 30.73 7.18
C TYR B 68 24.89 31.95 6.56
N GLN B 69 25.45 32.44 5.45
CA GLN B 69 24.90 33.64 4.82
C GLN B 69 23.51 33.38 4.27
N LEU B 70 23.35 32.28 3.53
CA LEU B 70 22.04 32.03 2.90
C LEU B 70 20.96 31.71 3.93
N ASN B 71 21.30 31.01 5.03
CA ASN B 71 20.32 30.73 6.07
C ASN B 71 19.89 32.01 6.78
N PHE B 72 20.76 33.00 6.79
CA PHE B 72 20.47 34.27 7.44
C PHE B 72 19.64 35.16 6.53
N ASP B 73 20.04 35.28 5.25
CA ASP B 73 19.37 36.24 4.36
C ASP B 73 17.96 35.77 4.00
N GLN B 74 17.79 34.47 3.79
CA GLN B 74 16.50 33.87 3.43
C GLN B 74 15.89 34.57 2.21
N THR B 75 16.69 34.62 1.14
CA THR B 75 16.26 35.24 -0.12
C THR B 75 15.11 34.45 -0.74
N LEU B 76 14.00 35.15 -0.99
CA LEU B 76 12.76 34.53 -1.45
C LEU B 76 12.63 34.71 -2.96
N ARG B 77 12.71 33.61 -3.70
CA ARG B 77 12.63 33.68 -5.16
C ARG B 77 11.20 33.84 -5.64
N ASN B 78 11.03 34.61 -6.72
CA ASN B 78 9.81 34.67 -7.53
C ASN B 78 8.67 35.42 -6.88
N VAL B 79 8.92 36.21 -5.84
CA VAL B 79 7.88 37.03 -5.23
C VAL B 79 8.22 38.49 -5.47
N ASP B 80 7.28 39.21 -6.07
CA ASP B 80 7.42 40.63 -6.40
C ASP B 80 7.49 41.49 -5.14
N LYS B 81 6.35 41.74 -4.51
CA LYS B 81 6.30 42.53 -3.27
C LYS B 81 6.72 41.62 -2.11
N ALA B 82 8.00 41.24 -2.13
CA ALA B 82 8.47 40.26 -1.15
C ALA B 82 8.39 40.79 0.28
N GLY B 83 8.46 42.12 0.45
CA GLY B 83 8.47 42.72 1.76
C GLY B 83 7.20 42.52 2.57
N THR B 84 6.08 42.22 1.91
CA THR B 84 4.82 42.00 2.61
C THR B 84 4.23 40.63 2.30
N TRP B 85 4.95 39.77 1.58
CA TRP B 85 4.42 38.47 1.21
C TRP B 85 4.44 37.51 2.39
N ALA B 86 3.34 36.79 2.56
CA ALA B 86 3.27 35.77 3.60
C ALA B 86 2.62 34.51 3.07
N PRO B 87 3.09 33.34 3.50
CA PRO B 87 2.48 32.09 3.07
C PRO B 87 1.12 31.89 3.70
N ARG B 88 0.25 31.17 2.97
CA ARG B 88 -1.09 30.89 3.45
C ARG B 88 -1.43 29.44 3.16
N GLU B 89 -2.12 28.81 4.11
CA GLU B 89 -2.77 27.52 3.92
C GLU B 89 -1.79 26.37 3.87
N LEU B 90 -0.85 26.41 2.93
CA LEU B 90 0.05 25.29 2.70
C LEU B 90 1.43 25.81 2.31
N VAL B 91 2.46 25.21 2.92
CA VAL B 91 3.87 25.39 2.58
C VAL B 91 4.46 24.00 2.39
N LEU B 92 5.34 23.83 1.41
CA LEU B 92 6.03 22.55 1.19
C LEU B 92 7.46 22.68 1.65
N VAL B 93 8.01 21.60 2.23
CA VAL B 93 9.42 21.55 2.61
C VAL B 93 9.98 20.24 2.07
N VAL B 94 11.01 20.34 1.22
CA VAL B 94 11.58 19.19 0.54
C VAL B 94 12.95 18.94 1.14
N GLN B 95 13.17 17.73 1.68
CA GLN B 95 14.52 17.36 2.11
C GLN B 95 15.30 16.85 0.89
N VAL B 96 16.43 17.50 0.59
CA VAL B 96 17.21 17.27 -0.63
C VAL B 96 18.60 16.77 -0.24
N HIS B 97 19.03 15.66 -0.87
CA HIS B 97 20.41 15.21 -0.70
C HIS B 97 21.17 15.45 -2.00
N ASN B 98 21.39 14.42 -2.82
CA ASN B 98 22.02 14.66 -4.12
C ASN B 98 21.58 13.55 -5.07
N ARG B 99 20.29 13.58 -5.43
CA ARG B 99 19.75 12.76 -6.50
C ARG B 99 19.06 13.70 -7.49
N PRO B 100 19.84 14.45 -8.28
CA PRO B 100 19.23 15.41 -9.20
C PRO B 100 18.28 14.76 -10.17
N GLU B 101 18.52 13.50 -10.54
CA GLU B 101 17.65 12.82 -11.48
C GLU B 101 16.24 12.63 -10.90
N TYR B 102 16.12 12.47 -9.58
CA TYR B 102 14.79 12.38 -8.98
C TYR B 102 14.23 13.75 -8.63
N LEU B 103 15.10 14.66 -8.16
CA LEU B 103 14.64 16.02 -7.90
C LEU B 103 14.03 16.63 -9.15
N ARG B 104 14.61 16.36 -10.33
CA ARG B 104 14.05 16.85 -11.58
C ARG B 104 12.58 16.43 -11.74
N LEU B 105 12.26 15.17 -11.41
CA LEU B 105 10.88 14.71 -11.54
C LEU B 105 9.96 15.44 -10.56
N LEU B 106 10.43 15.65 -9.33
CA LEU B 106 9.61 16.40 -8.38
C LEU B 106 9.32 17.81 -8.89
N LEU B 107 10.35 18.48 -9.42
CA LEU B 107 10.13 19.83 -9.94
C LEU B 107 9.20 19.82 -11.15
N ASP B 108 9.31 18.81 -12.01
CA ASP B 108 8.37 18.69 -13.12
C ASP B 108 6.94 18.56 -12.60
N SER B 109 6.75 17.78 -11.53
CA SER B 109 5.41 17.59 -10.99
C SER B 109 4.87 18.89 -10.39
N LEU B 110 5.73 19.67 -9.75
CA LEU B 110 5.32 20.98 -9.25
C LEU B 110 4.97 21.94 -10.38
N ARG B 111 5.74 21.90 -11.49
CA ARG B 111 5.42 22.75 -12.64
C ARG B 111 4.05 22.43 -13.21
N LYS B 112 3.66 21.15 -13.20
CA LYS B 112 2.40 20.73 -13.78
C LYS B 112 1.23 20.82 -12.80
N ALA B 113 1.49 21.08 -11.53
CA ALA B 113 0.45 21.04 -10.51
C ALA B 113 -0.41 22.29 -10.56
N GLN B 114 -1.72 22.10 -10.35
CA GLN B 114 -2.69 23.16 -10.40
C GLN B 114 -2.69 24.01 -9.14
N GLY B 115 -2.80 25.33 -9.33
CA GLY B 115 -3.17 26.23 -8.28
C GLY B 115 -2.11 26.56 -7.24
N ILE B 116 -0.82 26.40 -7.55
CA ILE B 116 0.23 26.55 -6.55
C ILE B 116 1.14 27.75 -6.83
N ASP B 117 0.64 28.73 -7.60
CA ASP B 117 1.41 29.95 -7.88
C ASP B 117 1.85 30.65 -6.61
N ASN B 118 1.09 30.55 -5.53
CA ASN B 118 1.42 31.23 -4.29
C ASN B 118 1.75 30.26 -3.15
N VAL B 119 2.09 29.01 -3.46
CA VAL B 119 2.49 28.06 -2.44
C VAL B 119 4.01 28.09 -2.29
N LEU B 120 4.47 28.50 -1.10
CA LEU B 120 5.91 28.52 -0.83
C LEU B 120 6.47 27.09 -0.82
N VAL B 121 7.58 26.89 -1.53
CA VAL B 121 8.30 25.62 -1.48
C VAL B 121 9.68 25.91 -0.91
N ILE B 122 10.00 25.26 0.20
CA ILE B 122 11.31 25.35 0.83
C ILE B 122 12.12 24.09 0.51
N PHE B 123 13.30 24.27 -0.07
CA PHE B 123 14.22 23.17 -0.30
C PHE B 123 15.28 23.24 0.78
N SER B 124 15.44 22.13 1.52
CA SER B 124 16.41 22.02 2.61
C SER B 124 17.51 21.05 2.19
N HIS B 125 18.75 21.51 2.22
CA HIS B 125 19.88 20.79 1.63
C HIS B 125 20.86 20.31 2.69
N ASP B 126 21.33 19.08 2.56
CA ASP B 126 22.50 18.79 3.37
C ASP B 126 23.75 18.67 2.54
N PHE B 127 23.72 19.14 1.29
CA PHE B 127 24.84 19.01 0.37
CA PHE B 127 24.84 19.01 0.37
C PHE B 127 24.81 20.21 -0.57
N TRP B 128 25.94 20.91 -0.70
CA TRP B 128 26.05 22.01 -1.66
C TRP B 128 26.45 21.40 -2.98
N SER B 129 25.60 21.55 -3.98
CA SER B 129 25.79 20.93 -5.28
C SER B 129 25.43 21.96 -6.34
N THR B 130 26.36 22.19 -7.27
CA THR B 130 26.05 23.11 -8.36
C THR B 130 24.89 22.59 -9.18
N GLU B 131 24.87 21.29 -9.49
CA GLU B 131 23.78 20.74 -10.29
C GLU B 131 22.44 20.85 -9.56
N ILE B 132 22.44 20.59 -8.25
CA ILE B 132 21.21 20.68 -7.48
C ILE B 132 20.74 22.14 -7.41
N ASN B 133 21.65 23.06 -7.12
CA ASN B 133 21.27 24.47 -7.09
C ASN B 133 20.77 24.95 -8.45
N GLN B 134 21.38 24.47 -9.54
CA GLN B 134 20.91 24.88 -10.86
C GLN B 134 19.50 24.36 -11.13
N LEU B 135 19.22 23.11 -10.74
CA LEU B 135 17.86 22.60 -10.91
C LEU B 135 16.84 23.45 -10.18
N ILE B 136 17.09 23.77 -8.91
CA ILE B 136 16.12 24.55 -8.16
C ILE B 136 16.01 25.97 -8.72
N ALA B 137 17.12 26.51 -9.22
CA ALA B 137 17.10 27.86 -9.78
C ALA B 137 16.18 27.96 -10.99
N GLY B 138 15.94 26.86 -11.70
CA GLY B 138 15.02 26.89 -12.82
C GLY B 138 13.56 27.06 -12.43
N VAL B 139 13.22 26.88 -11.16
CA VAL B 139 11.84 27.04 -10.72
C VAL B 139 11.49 28.51 -10.78
N ASN B 140 10.60 28.89 -11.70
CA ASN B 140 10.16 30.28 -11.85
C ASN B 140 8.68 30.47 -11.53
N PHE B 141 8.01 29.45 -10.99
CA PHE B 141 6.55 29.41 -11.02
C PHE B 141 5.89 29.39 -9.65
N CYS B 142 6.68 29.44 -8.57
CA CYS B 142 6.14 29.55 -7.22
C CYS B 142 7.20 30.19 -6.34
N PRO B 143 6.84 30.71 -5.18
CA PRO B 143 7.85 31.21 -4.23
C PRO B 143 8.76 30.07 -3.79
N VAL B 144 10.06 30.36 -3.74
CA VAL B 144 11.06 29.35 -3.42
C VAL B 144 12.03 29.91 -2.39
N LEU B 145 12.32 29.12 -1.36
CA LEU B 145 13.41 29.38 -0.43
C LEU B 145 14.35 28.17 -0.39
N GLN B 146 15.65 28.43 -0.26
CA GLN B 146 16.63 27.36 -0.04
C GLN B 146 17.28 27.57 1.32
N VAL B 147 17.27 26.53 2.15
CA VAL B 147 17.95 26.51 3.43
C VAL B 147 18.92 25.33 3.44
N PHE B 148 19.92 25.41 4.33
CA PHE B 148 21.04 24.48 4.31
C PHE B 148 21.31 23.92 5.70
N PHE B 149 21.28 22.59 5.83
CA PHE B 149 21.57 21.98 7.12
C PHE B 149 23.00 22.32 7.55
N PRO B 150 23.21 23.00 8.68
CA PRO B 150 24.53 23.58 8.94
C PRO B 150 25.49 22.64 9.66
N PHE B 151 25.05 21.42 9.99
CA PHE B 151 25.93 20.44 10.61
C PHE B 151 26.14 19.24 9.70
N SER B 152 26.17 19.46 8.39
CA SER B 152 26.31 18.36 7.45
C SER B 152 27.76 17.85 7.45
N ILE B 153 27.92 16.59 7.03
CA ILE B 153 29.26 16.04 6.96
C ILE B 153 30.13 16.79 5.96
N GLN B 154 29.52 17.43 4.96
CA GLN B 154 30.30 18.21 4.00
C GLN B 154 31.03 19.36 4.67
N LEU B 155 30.40 19.97 5.68
CA LEU B 155 30.97 21.10 6.41
C LEU B 155 31.93 20.69 7.53
N TYR B 156 31.87 19.44 7.99
CA TYR B 156 32.71 18.96 9.09
C TYR B 156 33.42 17.67 8.69
N PRO B 157 34.39 17.77 7.77
CA PRO B 157 35.05 16.55 7.27
C PRO B 157 35.86 15.80 8.32
N ASN B 158 36.48 16.49 9.28
CA ASN B 158 37.51 15.84 10.10
C ASN B 158 37.15 15.74 11.57
N GLU B 159 35.89 15.93 11.93
CA GLU B 159 35.44 15.92 13.31
C GLU B 159 33.95 15.62 13.32
N PHE B 160 33.45 15.20 14.47
CA PHE B 160 32.01 15.06 14.65
C PHE B 160 31.31 16.37 14.24
N PRO B 161 30.18 16.31 13.49
CA PRO B 161 29.39 15.13 13.11
C PRO B 161 29.86 14.37 11.86
N GLY B 162 30.99 14.78 11.28
CA GLY B 162 31.70 13.93 10.34
C GLY B 162 32.40 12.82 11.09
N SER B 163 33.47 12.31 10.50
CA SER B 163 34.23 11.23 11.11
C SER B 163 35.37 11.83 11.91
N ASP B 164 35.38 11.54 13.23
CA ASP B 164 36.47 11.92 14.10
C ASP B 164 37.50 10.79 14.14
N PRO B 165 38.78 11.15 14.19
CA PRO B 165 39.82 10.13 14.26
C PRO B 165 39.73 9.24 15.49
N ARG B 166 39.10 9.70 16.57
CA ARG B 166 38.99 8.90 17.78
C ARG B 166 37.77 7.99 17.80
N ASP B 167 36.94 8.03 16.75
CA ASP B 167 35.74 7.19 16.67
C ASP B 167 36.12 5.71 16.75
N CYS B 168 35.28 4.94 17.43
CA CYS B 168 35.44 3.49 17.47
C CYS B 168 35.15 2.87 16.11
N PRO B 169 35.96 1.92 15.66
CA PRO B 169 35.57 1.11 14.49
C PRO B 169 34.20 0.48 14.69
N ARG B 170 33.43 0.36 13.60
CA ARG B 170 32.02 0.00 13.68
C ARG B 170 31.78 -1.30 14.45
N ASP B 171 32.59 -2.32 14.17
CA ASP B 171 32.37 -3.67 14.69
C ASP B 171 33.31 -4.04 15.83
N LEU B 172 34.04 -3.08 16.39
CA LEU B 172 35.02 -3.42 17.42
C LEU B 172 34.29 -3.94 18.66
N PRO B 173 34.67 -5.11 19.19
CA PRO B 173 33.98 -5.62 20.38
C PRO B 173 34.10 -4.67 21.56
N LYS B 174 33.07 -4.68 22.40
CA LYS B 174 32.95 -3.72 23.50
C LYS B 174 34.20 -3.71 24.39
N ASN B 175 34.70 -4.90 24.76
CA ASN B 175 35.86 -4.96 25.65
C ASN B 175 37.08 -4.32 25.01
N ALA B 176 37.32 -4.59 23.72
CA ALA B 176 38.43 -3.95 23.04
C ALA B 176 38.21 -2.45 22.88
N ALA B 177 36.97 -2.04 22.59
CA ALA B 177 36.69 -0.60 22.49
C ALA B 177 36.96 0.10 23.81
N LEU B 178 36.59 -0.53 24.93
CA LEU B 178 36.79 0.10 26.22
C LEU B 178 38.26 0.21 26.56
N LYS B 179 39.04 -0.85 26.29
CA LYS B 179 40.48 -0.78 26.49
C LYS B 179 41.12 0.23 25.54
N LEU B 180 40.58 0.36 24.33
CA LEU B 180 41.14 1.31 23.38
C LEU B 180 40.89 2.75 23.82
N GLY B 181 39.76 3.00 24.49
CA GLY B 181 39.39 4.35 24.84
C GLY B 181 38.92 5.19 23.68
N CYS B 182 38.44 4.57 22.61
CA CYS B 182 37.87 5.37 21.53
C CYS B 182 36.62 6.09 22.05
N ILE B 183 36.29 7.21 21.40
CA ILE B 183 35.50 8.23 22.08
C ILE B 183 34.09 7.73 22.42
N ASN B 184 33.48 6.94 21.54
CA ASN B 184 32.12 6.49 21.77
C ASN B 184 32.04 5.04 22.25
N ALA B 185 33.11 4.53 22.90
CA ALA B 185 33.19 3.13 23.29
C ALA B 185 32.03 2.72 24.20
N GLU B 186 31.60 3.63 25.07
CA GLU B 186 30.52 3.30 25.98
C GLU B 186 29.14 3.37 25.34
N TYR B 187 29.04 3.82 24.09
CA TYR B 187 27.74 4.12 23.47
C TYR B 187 27.60 3.50 22.08
N PRO B 188 27.73 2.18 21.94
CA PRO B 188 27.34 1.53 20.69
C PRO B 188 25.82 1.56 20.54
N ASP B 189 25.33 1.20 19.36
CA ASP B 189 23.89 1.05 19.24
C ASP B 189 23.46 -0.30 19.83
N SER B 190 22.16 -0.61 19.71
CA SER B 190 21.58 -1.81 20.33
CA SER B 190 21.62 -1.80 20.36
C SER B 190 22.07 -3.10 19.69
N PHE B 191 22.69 -3.02 18.52
CA PHE B 191 23.25 -4.17 17.83
C PHE B 191 24.76 -4.28 18.05
N GLY B 192 25.33 -3.42 18.88
CA GLY B 192 26.76 -3.43 19.13
C GLY B 192 27.58 -2.74 18.06
N HIS B 193 26.96 -1.90 17.24
CA HIS B 193 27.67 -1.21 16.18
C HIS B 193 27.93 0.23 16.58
N TYR B 194 29.15 0.71 16.29
CA TYR B 194 29.51 2.08 16.58
C TYR B 194 29.23 2.97 15.37
N ARG B 195 29.11 4.27 15.66
CA ARG B 195 28.57 5.25 14.72
C ARG B 195 29.33 5.30 13.40
N GLU B 196 28.58 5.28 12.29
CA GLU B 196 29.09 5.61 10.96
C GLU B 196 28.51 6.96 10.58
N ALA B 197 29.38 7.97 10.41
CA ALA B 197 28.95 9.37 10.40
C ALA B 197 27.88 9.65 9.34
N LYS B 198 28.06 9.13 8.13
CA LYS B 198 27.11 9.51 7.09
C LYS B 198 25.72 8.94 7.34
N PHE B 199 25.62 7.83 8.08
CA PHE B 199 24.31 7.23 8.36
C PHE B 199 23.50 8.03 9.38
N SER B 200 24.13 8.97 10.10
CA SER B 200 23.38 9.77 11.08
C SER B 200 22.83 11.06 10.49
N GLN B 201 23.19 11.40 9.25
CA GLN B 201 22.91 12.76 8.78
C GLN B 201 21.44 12.97 8.48
N THR B 202 20.77 11.96 7.91
CA THR B 202 19.41 12.18 7.44
C THR B 202 18.46 12.49 8.60
N LYS B 203 18.63 11.78 9.73
CA LYS B 203 17.77 12.04 10.89
C LYS B 203 18.09 13.39 11.51
N HIS B 204 19.38 13.75 11.61
CA HIS B 204 19.72 15.11 12.06
C HIS B 204 19.05 16.16 11.19
N HIS B 205 19.19 16.03 9.87
CA HIS B 205 18.66 17.01 8.93
C HIS B 205 17.15 17.13 9.08
N TRP B 206 16.48 15.99 9.24
CA TRP B 206 15.02 15.99 9.36
C TRP B 206 14.57 16.79 10.58
N TRP B 207 15.21 16.56 11.74
CA TRP B 207 14.78 17.24 12.96
C TRP B 207 15.22 18.70 12.94
N TRP B 208 16.43 18.97 12.44
CA TRP B 208 16.90 20.34 12.33
C TRP B 208 15.95 21.16 11.48
N LYS B 209 15.54 20.63 10.32
CA LYS B 209 14.74 21.46 9.42
C LYS B 209 13.32 21.61 9.92
N LEU B 210 12.81 20.64 10.69
CA LEU B 210 11.50 20.79 11.31
C LEU B 210 11.49 22.02 12.21
N HIS B 211 12.49 22.12 13.09
CA HIS B 211 12.59 23.28 13.95
C HIS B 211 12.90 24.54 13.14
N PHE B 212 13.72 24.43 12.10
CA PHE B 212 14.13 25.65 11.38
C PHE B 212 12.96 26.28 10.66
N VAL B 213 12.12 25.49 10.00
CA VAL B 213 11.04 26.10 9.24
C VAL B 213 9.98 26.66 10.18
N TRP B 214 9.67 25.95 11.27
CA TRP B 214 8.64 26.43 12.18
C TRP B 214 9.11 27.57 13.08
N GLU B 215 10.42 27.71 13.32
CA GLU B 215 10.88 28.69 14.31
C GLU B 215 11.94 29.69 13.84
N ARG B 216 12.61 29.46 12.70
CA ARG B 216 13.69 30.33 12.28
C ARG B 216 13.51 30.95 10.89
N VAL B 217 12.46 30.58 10.16
CA VAL B 217 12.21 31.16 8.85
C VAL B 217 11.29 32.37 9.06
N LYS B 218 11.79 33.56 8.68
CA LYS B 218 11.14 34.81 9.08
C LYS B 218 9.72 34.93 8.54
N ILE B 219 9.51 34.55 7.27
CA ILE B 219 8.18 34.74 6.69
C ILE B 219 7.17 33.74 7.22
N LEU B 220 7.61 32.71 7.94
CA LEU B 220 6.72 31.76 8.59
C LEU B 220 6.39 32.14 10.02
N ARG B 221 6.81 33.31 10.49
CA ARG B 221 6.48 33.71 11.85
C ARG B 221 4.97 33.73 12.06
N ASP B 222 4.51 33.09 13.15
CA ASP B 222 3.11 33.02 13.55
C ASP B 222 2.24 32.24 12.55
N TYR B 223 2.85 31.54 11.60
CA TYR B 223 2.10 30.78 10.60
C TYR B 223 1.20 29.75 11.27
N ALA B 224 -0.08 29.69 10.85
CA ALA B 224 -1.01 28.70 11.37
C ALA B 224 -1.75 27.97 10.26
N GLY B 225 -1.09 27.79 9.12
CA GLY B 225 -1.52 26.82 8.12
C GLY B 225 -0.86 25.49 8.38
N LEU B 226 -0.74 24.71 7.31
CA LEU B 226 -0.05 23.43 7.42
C LEU B 226 1.25 23.46 6.63
N ILE B 227 2.18 22.62 7.04
CA ILE B 227 3.44 22.47 6.33
C ILE B 227 3.58 21.00 5.94
N LEU B 228 3.77 20.76 4.64
CA LEU B 228 3.80 19.43 4.06
C LEU B 228 5.26 19.05 3.80
N PHE B 229 5.73 17.97 4.44
CA PHE B 229 7.11 17.54 4.38
C PHE B 229 7.26 16.43 3.34
N LEU B 230 8.15 16.65 2.38
CA LEU B 230 8.33 15.81 1.20
C LEU B 230 9.80 15.46 1.03
N GLU B 231 10.06 14.57 0.09
CA GLU B 231 11.41 14.11 -0.21
C GLU B 231 11.72 14.38 -1.67
N GLU B 232 13.01 14.32 -2.01
CA GLU B 232 13.43 14.67 -3.36
C GLU B 232 12.95 13.67 -4.40
N ASP B 233 12.56 12.46 -3.98
CA ASP B 233 12.13 11.42 -4.93
C ASP B 233 10.62 11.20 -4.84
N HIS B 234 9.87 12.23 -4.49
CA HIS B 234 8.42 12.22 -4.59
C HIS B 234 7.97 12.90 -5.87
N TYR B 235 6.75 12.57 -6.30
CA TYR B 235 6.13 13.15 -7.47
C TYR B 235 4.70 13.46 -7.08
N LEU B 236 4.30 14.73 -7.19
CA LEU B 236 2.96 15.17 -6.79
C LEU B 236 1.97 15.07 -7.95
N ALA B 237 0.78 14.54 -7.64
CA ALA B 237 -0.31 14.57 -8.60
C ALA B 237 -0.74 16.01 -8.88
N PRO B 238 -1.23 16.30 -10.09
CA PRO B 238 -1.54 17.69 -10.42
C PRO B 238 -2.66 18.29 -9.58
N ASP B 239 -3.54 17.49 -8.99
CA ASP B 239 -4.59 18.02 -8.13
C ASP B 239 -4.25 17.92 -6.65
N PHE B 240 -2.98 17.78 -6.29
CA PHE B 240 -2.65 17.55 -4.88
C PHE B 240 -3.07 18.71 -4.01
N TYR B 241 -2.99 19.94 -4.51
CA TYR B 241 -3.33 21.08 -3.66
C TYR B 241 -4.83 21.20 -3.52
N HIS B 242 -5.55 21.02 -4.62
CA HIS B 242 -7.01 20.96 -4.59
C HIS B 242 -7.48 19.90 -3.58
N VAL B 243 -6.86 18.73 -3.62
CA VAL B 243 -7.27 17.65 -2.73
C VAL B 243 -6.90 17.97 -1.28
N PHE B 244 -5.69 18.50 -1.05
CA PHE B 244 -5.28 18.88 0.29
C PHE B 244 -6.29 19.82 0.94
N LYS B 245 -6.74 20.83 0.19
CA LYS B 245 -7.67 21.81 0.74
C LYS B 245 -8.99 21.15 1.15
N LYS B 246 -9.50 20.24 0.32
CA LYS B 246 -10.74 19.55 0.67
C LYS B 246 -10.52 18.52 1.78
N MET B 247 -9.32 17.93 1.88
CA MET B 247 -9.06 17.02 2.98
C MET B 247 -9.04 17.76 4.31
N TRP B 248 -8.50 18.97 4.32
CA TRP B 248 -8.42 19.69 5.58
C TRP B 248 -9.79 20.17 6.01
N LYS B 249 -10.61 20.58 5.05
CA LYS B 249 -12.01 20.87 5.34
C LYS B 249 -12.71 19.64 5.89
N LEU B 250 -12.47 18.47 5.31
CA LEU B 250 -13.08 17.25 5.84
C LEU B 250 -12.58 16.96 7.26
N LYS B 251 -11.34 17.32 7.57
CA LYS B 251 -10.84 17.17 8.94
C LYS B 251 -11.63 18.04 9.91
N GLN B 252 -11.82 19.32 9.57
CA GLN B 252 -12.65 20.20 10.38
C GLN B 252 -14.07 19.64 10.54
N GLN B 253 -14.61 19.04 9.49
CA GLN B 253 -16.01 18.63 9.49
C GLN B 253 -16.23 17.32 10.22
N GLU B 254 -15.35 16.34 9.98
CA GLU B 254 -15.65 14.97 10.33
C GLU B 254 -14.56 14.27 11.12
N CYS B 255 -13.41 14.87 11.34
CA CYS B 255 -12.31 14.18 12.02
C CYS B 255 -11.55 15.11 12.97
N PRO B 256 -12.19 15.52 14.07
CA PRO B 256 -11.47 16.25 15.12
C PRO B 256 -10.31 15.46 15.69
N GLU B 257 -10.40 14.13 15.68
CA GLU B 257 -9.34 13.28 16.21
C GLU B 257 -8.18 13.07 15.22
N CYS B 258 -8.29 13.54 13.99
CA CYS B 258 -7.20 13.41 13.02
C CYS B 258 -6.13 14.46 13.31
N ASP B 259 -4.88 14.02 13.44
CA ASP B 259 -3.78 14.89 13.84
C ASP B 259 -2.97 15.41 12.67
N VAL B 260 -2.78 14.60 11.64
CA VAL B 260 -1.92 14.97 10.52
C VAL B 260 -2.57 14.49 9.23
N LEU B 261 -2.04 14.98 8.10
CA LEU B 261 -2.49 14.58 6.78
C LEU B 261 -1.34 13.93 6.01
N SER B 262 -1.70 13.06 5.07
CA SER B 262 -0.74 12.44 4.16
C SER B 262 -1.35 12.46 2.77
N LEU B 263 -0.50 12.36 1.73
CA LEU B 263 -1.00 12.40 0.36
C LEU B 263 -1.13 11.02 -0.28
N GLY B 264 -0.66 9.96 0.38
CA GLY B 264 -0.78 8.63 -0.19
C GLY B 264 -0.28 7.54 0.73
N THR B 265 -0.85 6.36 0.60
CA THR B 265 -0.41 5.16 1.30
C THR B 265 -0.03 4.13 0.25
N TYR B 266 1.09 3.45 0.47
CA TYR B 266 1.49 2.39 -0.44
C TYR B 266 0.41 1.30 -0.52
N SER B 269 -3.08 0.55 -5.59
CA SER B 269 -2.77 -0.20 -6.81
C SER B 269 -3.76 0.16 -7.91
N ARG B 270 -4.74 -0.72 -8.13
CA ARG B 270 -5.82 -0.38 -9.05
C ARG B 270 -6.60 0.81 -8.52
N SER B 271 -7.31 1.49 -9.41
CA SER B 271 -8.06 2.69 -9.06
C SER B 271 -9.50 2.54 -9.53
N PHE B 272 -10.41 2.41 -8.57
CA PHE B 272 -11.83 2.20 -8.84
C PHE B 272 -12.60 3.51 -8.66
N TYR B 273 -13.73 3.60 -9.37
CA TYR B 273 -14.61 4.74 -9.23
C TYR B 273 -15.00 4.99 -7.76
N GLY B 274 -15.21 3.91 -7.01
N GLY B 274 -15.28 3.92 -7.02
CA GLY B 274 -15.64 3.99 -5.62
CA GLY B 274 -15.65 4.10 -5.63
C GLY B 274 -14.55 4.42 -4.65
C GLY B 274 -14.59 4.87 -4.84
N MET B 275 -13.32 4.59 -5.12
CA MET B 275 -12.26 5.22 -4.33
C MET B 275 -12.12 6.70 -4.61
N ALA B 276 -12.87 7.24 -5.59
CA ALA B 276 -12.57 8.57 -6.11
C ALA B 276 -12.87 9.67 -5.09
N ASP B 277 -13.91 9.52 -4.27
CA ASP B 277 -14.17 10.55 -3.28
C ASP B 277 -14.09 9.99 -1.87
N LYS B 278 -13.07 9.17 -1.62
CA LYS B 278 -12.86 8.59 -0.30
C LYS B 278 -11.51 9.05 0.24
N VAL B 279 -11.49 9.34 1.53
CA VAL B 279 -10.27 9.59 2.29
C VAL B 279 -10.26 8.64 3.48
N ASP B 280 -9.12 7.98 3.69
CA ASP B 280 -8.97 7.01 4.77
C ASP B 280 -8.44 7.67 6.04
N VAL B 281 -8.51 6.92 7.14
CA VAL B 281 -7.75 7.21 8.36
C VAL B 281 -6.77 6.06 8.58
N LYS B 282 -5.49 6.39 8.56
CA LYS B 282 -4.39 5.42 8.67
C LYS B 282 -3.55 5.76 9.90
N THR B 283 -2.53 4.95 10.13
CA THR B 283 -1.55 5.20 11.18
C THR B 283 -0.18 5.52 10.56
N TRP B 284 0.64 6.23 11.31
CA TRP B 284 1.96 6.59 10.82
C TRP B 284 2.94 5.43 11.01
N LYS B 285 3.56 4.97 9.93
CA LYS B 285 4.52 3.89 10.02
C LYS B 285 5.91 4.27 9.51
N SER B 286 6.03 4.74 8.28
CA SER B 286 7.34 4.99 7.70
C SER B 286 7.12 5.71 6.38
N THR B 287 8.19 6.35 5.88
CA THR B 287 8.02 7.18 4.69
C THR B 287 7.70 6.35 3.47
N GLU B 288 8.08 5.07 3.48
CA GLU B 288 7.67 4.17 2.41
C GLU B 288 6.17 3.90 2.47
N HIS B 289 5.61 3.81 3.69
CA HIS B 289 4.19 3.50 3.85
C HIS B 289 3.33 4.75 3.68
N ASN B 290 3.67 5.82 4.37
N ASN B 290 3.71 5.86 4.29
CA ASN B 290 2.89 7.05 4.41
CA ASN B 290 3.03 7.13 4.10
C ASN B 290 3.66 8.11 3.65
C ASN B 290 4.02 8.19 3.62
N MET B 291 3.14 8.50 2.49
N MET B 291 3.65 8.91 2.56
CA MET B 291 3.89 9.33 1.55
CA MET B 291 4.44 10.00 2.02
C MET B 291 3.53 10.80 1.72
C MET B 291 3.72 11.32 2.22
N GLY B 292 4.49 11.59 2.19
N GLY B 292 4.49 12.41 2.17
CA GLY B 292 4.22 12.97 2.55
CA GLY B 292 3.91 13.73 2.29
C GLY B 292 3.59 13.04 3.93
C GLY B 292 3.18 13.97 3.60
N LEU B 293 3.95 14.08 4.68
CA LEU B 293 3.39 14.30 6.01
C LEU B 293 3.12 15.78 6.20
N ALA B 294 1.86 16.15 6.42
CA ALA B 294 1.46 17.54 6.63
C ALA B 294 1.13 17.77 8.10
N LEU B 295 1.78 18.78 8.69
CA LEU B 295 1.70 19.08 10.12
C LEU B 295 1.08 20.45 10.34
N THR B 296 0.24 20.54 11.38
CA THR B 296 -0.19 21.80 11.94
C THR B 296 0.86 22.32 12.92
N ARG B 297 0.70 23.58 13.33
CA ARG B 297 1.53 24.10 14.42
C ARG B 297 1.32 23.30 15.70
N ASN B 298 0.08 22.90 15.98
CA ASN B 298 -0.20 22.10 17.17
C ASN B 298 0.57 20.79 17.15
N ALA B 299 0.58 20.09 16.01
CA ALA B 299 1.31 18.83 15.93
C ALA B 299 2.81 19.08 16.03
N TYR B 300 3.29 20.16 15.40
CA TYR B 300 4.69 20.51 15.54
C TYR B 300 5.05 20.70 17.02
N GLN B 301 4.19 21.40 17.76
CA GLN B 301 4.51 21.67 19.16
CA GLN B 301 4.50 21.67 19.16
C GLN B 301 4.57 20.38 19.97
N LYS B 302 3.65 19.44 19.73
CA LYS B 302 3.71 18.16 20.43
C LYS B 302 4.96 17.39 20.04
N LEU B 303 5.37 17.49 18.78
CA LEU B 303 6.59 16.83 18.33
C LEU B 303 7.79 17.40 19.04
N ILE B 304 7.93 18.73 19.07
CA ILE B 304 9.15 19.31 19.61
C ILE B 304 9.21 19.08 21.12
N GLU B 305 8.06 18.95 21.78
CA GLU B 305 8.04 18.55 23.19
C GLU B 305 8.59 17.14 23.39
N CYS B 306 8.59 16.32 22.34
CA CYS B 306 9.13 14.98 22.38
C CYS B 306 10.57 14.92 21.86
N THR B 307 11.26 16.09 21.81
CA THR B 307 12.64 16.13 21.33
C THR B 307 13.53 15.11 22.02
N ASP B 308 13.44 15.01 23.35
CA ASP B 308 14.35 14.10 24.05
C ASP B 308 14.16 12.67 23.58
N THR B 309 12.90 12.26 23.37
CA THR B 309 12.64 10.89 22.91
C THR B 309 13.09 10.70 21.47
N PHE B 310 12.76 11.66 20.59
CA PHE B 310 13.20 11.58 19.20
C PHE B 310 14.71 11.47 19.12
N CYS B 311 15.42 12.31 19.86
CA CYS B 311 16.86 12.42 19.74
C CYS B 311 17.63 11.31 20.45
N THR B 312 17.01 10.53 21.33
CA THR B 312 17.71 9.44 21.99
C THR B 312 17.23 8.05 21.56
N TYR B 313 16.12 7.93 20.86
CA TYR B 313 15.64 6.63 20.44
C TYR B 313 16.62 6.01 19.43
N ASP B 314 16.99 4.75 19.66
CA ASP B 314 18.07 4.13 18.88
C ASP B 314 17.56 3.63 17.53
N ASP B 315 17.22 4.58 16.67
CA ASP B 315 16.87 4.28 15.29
C ASP B 315 17.30 5.47 14.44
N TYR B 316 18.21 5.25 13.48
CA TYR B 316 18.68 6.35 12.66
C TYR B 316 17.70 6.74 11.57
N ASN B 317 16.52 6.12 11.51
CA ASN B 317 15.46 6.53 10.59
C ASN B 317 14.53 7.53 11.25
N TRP B 318 14.43 8.73 10.68
CA TRP B 318 13.50 9.72 11.23
C TRP B 318 12.08 9.19 11.26
N ASP B 319 11.70 8.44 10.22
CA ASP B 319 10.30 8.03 10.09
C ASP B 319 9.95 6.90 11.06
N TRP B 320 10.84 5.92 11.23
CA TRP B 320 10.62 4.92 12.27
C TRP B 320 10.68 5.55 13.66
N THR B 321 11.53 6.57 13.85
CA THR B 321 11.54 7.27 15.13
C THR B 321 10.20 7.95 15.38
N LEU B 322 9.64 8.59 14.34
CA LEU B 322 8.30 9.17 14.50
C LEU B 322 7.28 8.11 14.87
N GLN B 323 7.35 6.93 14.25
CA GLN B 323 6.42 5.87 14.63
C GLN B 323 6.55 5.55 16.11
N TYR B 324 7.78 5.50 16.62
CA TYR B 324 7.98 5.25 18.03
C TYR B 324 7.38 6.37 18.87
N LEU B 325 7.57 7.63 18.45
CA LEU B 325 6.94 8.75 19.15
C LEU B 325 5.43 8.59 19.26
N THR B 326 4.78 8.11 18.18
CA THR B 326 3.33 8.01 18.23
C THR B 326 2.86 6.99 19.26
N VAL B 327 3.70 6.01 19.60
CA VAL B 327 3.30 5.01 20.57
C VAL B 327 3.78 5.35 21.98
N SER B 328 4.83 6.15 22.12
CA SER B 328 5.50 6.32 23.42
C SER B 328 5.38 7.71 24.02
N CYS B 329 5.34 8.76 23.22
CA CYS B 329 5.59 10.10 23.72
C CYS B 329 4.50 11.10 23.39
N LEU B 330 3.97 11.07 22.17
CA LEU B 330 2.91 11.97 21.78
C LEU B 330 1.65 11.68 22.61
N PRO B 331 0.78 12.68 22.78
CA PRO B 331 -0.44 12.48 23.59
C PRO B 331 -1.32 11.32 23.13
N LYS B 332 -1.44 11.06 21.83
CA LYS B 332 -2.14 9.86 21.39
C LYS B 332 -1.55 9.41 20.06
N PHE B 333 -1.79 8.14 19.71
CA PHE B 333 -1.43 7.67 18.38
C PHE B 333 -1.96 8.65 17.36
N TRP B 334 -1.12 9.04 16.41
CA TRP B 334 -1.57 9.88 15.31
C TRP B 334 -2.61 9.15 14.48
N LYS B 335 -3.71 9.83 14.17
CA LYS B 335 -4.61 9.39 13.12
C LYS B 335 -4.34 10.25 11.89
N VAL B 336 -4.10 9.59 10.76
CA VAL B 336 -3.61 10.23 9.53
C VAL B 336 -4.73 10.21 8.51
N LEU B 337 -5.11 11.38 8.01
CA LEU B 337 -6.11 11.48 6.95
C LEU B 337 -5.39 11.42 5.62
N VAL B 338 -5.83 10.53 4.73
CA VAL B 338 -5.06 10.28 3.51
C VAL B 338 -6.00 9.80 2.42
N PRO B 339 -5.87 10.28 1.19
CA PRO B 339 -6.82 9.88 0.15
C PRO B 339 -6.66 8.42 -0.24
N GLN B 340 -7.77 7.82 -0.68
CA GLN B 340 -7.72 6.44 -1.13
C GLN B 340 -6.98 6.31 -2.45
N ILE B 341 -7.05 7.33 -3.31
CA ILE B 341 -6.23 7.39 -4.51
C ILE B 341 -5.07 8.32 -4.21
N PRO B 342 -3.83 7.87 -4.30
CA PRO B 342 -2.71 8.69 -3.83
C PRO B 342 -2.51 9.93 -4.71
N ARG B 343 -2.16 11.03 -4.04
CA ARG B 343 -1.81 12.28 -4.70
C ARG B 343 -0.30 12.50 -4.73
N ILE B 344 0.46 11.46 -4.43
CA ILE B 344 1.91 11.52 -4.41
C ILE B 344 2.42 10.13 -4.77
N PHE B 345 3.56 10.09 -5.45
CA PHE B 345 4.13 8.82 -5.89
C PHE B 345 5.59 8.81 -5.50
N HIS B 346 6.09 7.63 -5.14
CA HIS B 346 7.49 7.48 -4.74
C HIS B 346 8.26 7.07 -5.98
N ALA B 347 8.90 8.03 -6.63
CA ALA B 347 9.64 7.72 -7.86
C ALA B 347 10.94 6.97 -7.57
N GLY B 348 11.39 6.94 -6.33
CA GLY B 348 12.63 6.26 -5.98
C GLY B 348 12.39 4.84 -5.54
N ASP B 349 11.33 4.22 -6.06
CA ASP B 349 11.01 2.83 -5.75
C ASP B 349 10.33 2.22 -6.96
N CYS B 350 10.79 1.04 -7.39
CA CYS B 350 10.20 0.37 -8.53
C CYS B 350 10.26 -1.14 -8.37
N GLY B 351 9.39 -1.82 -9.12
CA GLY B 351 9.36 -3.27 -9.13
C GLY B 351 8.69 -3.86 -7.91
N MET B 352 8.35 -5.15 -8.00
CA MET B 352 7.80 -5.82 -6.83
C MET B 352 8.85 -6.06 -5.75
N HIS B 353 10.13 -5.97 -6.12
CA HIS B 353 11.22 -6.11 -5.18
C HIS B 353 11.68 -4.78 -4.59
N HIS B 354 11.05 -3.67 -4.99
CA HIS B 354 11.29 -2.37 -4.37
C HIS B 354 12.76 -1.96 -4.48
N LYS B 355 13.31 -2.05 -5.69
CA LYS B 355 14.60 -1.44 -5.96
C LYS B 355 14.48 0.07 -5.80
N LYS B 356 15.60 0.71 -5.44
CA LYS B 356 15.63 2.17 -5.30
C LYS B 356 16.33 2.87 -6.46
N THR B 357 16.96 2.11 -7.36
CA THR B 357 17.61 2.67 -8.55
C THR B 357 16.71 2.41 -9.75
N CYS B 358 15.89 3.39 -10.08
CA CYS B 358 14.88 3.27 -11.13
C CYS B 358 15.17 4.29 -12.22
N ARG B 359 15.00 3.87 -13.47
CA ARG B 359 15.25 4.79 -14.58
C ARG B 359 14.28 5.95 -14.47
N PRO B 360 14.77 7.19 -14.30
CA PRO B 360 13.84 8.30 -14.02
C PRO B 360 12.84 8.55 -15.13
N SER B 361 13.26 8.43 -16.39
CA SER B 361 12.34 8.64 -17.50
C SER B 361 11.19 7.65 -17.46
N THR B 362 11.48 6.39 -17.12
CA THR B 362 10.44 5.38 -17.03
C THR B 362 9.48 5.67 -15.88
N GLN B 363 10.02 6.03 -14.71
CA GLN B 363 9.16 6.40 -13.59
C GLN B 363 8.23 7.54 -13.97
N SER B 364 8.74 8.50 -14.73
CA SER B 364 7.97 9.69 -15.10
C SER B 364 6.83 9.33 -16.05
N ALA B 365 7.14 8.59 -17.12
CA ALA B 365 6.14 8.29 -18.12
C ALA B 365 5.01 7.44 -17.54
N GLN B 366 5.36 6.48 -16.67
CA GLN B 366 4.35 5.63 -16.05
C GLN B 366 3.43 6.42 -15.15
N ILE B 367 3.99 7.29 -14.29
CA ILE B 367 3.17 8.13 -13.43
C ILE B 367 2.24 9.00 -14.28
N GLU B 368 2.77 9.55 -15.37
CA GLU B 368 1.95 10.41 -16.23
C GLU B 368 0.86 9.62 -16.93
N SER B 369 1.12 8.35 -17.27
CA SER B 369 0.09 7.52 -17.88
C SER B 369 -1.03 7.26 -16.89
N LEU B 370 -0.69 6.97 -15.63
CA LEU B 370 -1.71 6.77 -14.61
C LEU B 370 -2.54 8.04 -14.42
N LEU B 371 -1.88 9.17 -14.23
CA LEU B 371 -2.59 10.44 -14.11
C LEU B 371 -3.40 10.75 -15.35
N MET B 378 -9.76 13.10 -11.33
CA MET B 378 -9.06 14.10 -10.53
C MET B 378 -9.87 15.38 -10.33
N PHE B 379 -9.40 16.20 -9.40
CA PHE B 379 -10.12 17.39 -8.95
C PHE B 379 -11.55 17.07 -8.50
N PRO B 380 -11.72 16.18 -7.53
CA PRO B 380 -13.08 15.85 -7.09
C PRO B 380 -13.75 17.03 -6.39
N GLU B 381 -15.08 17.11 -6.55
CA GLU B 381 -15.82 18.22 -5.95
C GLU B 381 -16.01 18.04 -4.44
N THR B 382 -16.14 16.81 -3.96
CA THR B 382 -16.31 16.54 -2.54
C THR B 382 -15.60 15.24 -2.15
N LEU B 383 -15.23 15.15 -0.87
CA LEU B 383 -14.56 13.98 -0.33
C LEU B 383 -15.30 13.49 0.91
N THR B 384 -15.04 12.24 1.28
CA THR B 384 -15.76 11.56 2.35
C THR B 384 -14.85 10.55 3.04
N ILE B 385 -15.00 10.40 4.35
CA ILE B 385 -14.13 9.52 5.14
C ILE B 385 -14.55 8.06 4.94
N SER B 386 -13.55 7.20 4.82
CA SER B 386 -13.70 5.73 4.82
C SER B 386 -14.37 5.20 3.55
N PHE B 389 -14.43 6.79 12.07
CA PHE B 389 -14.56 6.32 13.45
C PHE B 389 -13.83 5.00 13.65
N THR B 390 -12.66 5.06 14.29
CA THR B 390 -11.81 3.90 14.43
C THR B 390 -11.12 3.92 15.78
N VAL B 391 -11.03 2.75 16.40
CA VAL B 391 -10.38 2.57 17.70
C VAL B 391 -9.16 1.70 17.46
N VAL B 392 -7.97 2.24 17.78
CA VAL B 392 -6.71 1.68 17.28
C VAL B 392 -5.71 1.51 18.43
N ALA B 393 -4.80 0.56 18.26
CA ALA B 393 -3.77 0.28 19.27
C ALA B 393 -2.64 -0.50 18.59
N ILE B 394 -1.45 0.10 18.51
CA ILE B 394 -0.35 -0.37 17.67
C ILE B 394 0.90 -0.55 18.52
N SER B 395 1.51 -1.74 18.44
CA SER B 395 2.72 -2.08 19.20
C SER B 395 3.93 -1.32 18.68
N PRO B 396 4.92 -1.04 19.54
CA PRO B 396 6.05 -0.25 19.09
C PRO B 396 6.89 -1.03 18.08
N PRO B 397 7.55 -0.35 17.16
CA PRO B 397 8.36 -1.03 16.15
C PRO B 397 9.64 -1.57 16.77
N ARG B 398 10.24 -2.55 16.08
CA ARG B 398 11.59 -2.95 16.45
C ARG B 398 12.58 -1.84 16.09
N LYS B 399 13.61 -1.68 16.90
CA LYS B 399 14.63 -0.67 16.63
C LYS B 399 15.53 -1.09 15.48
N ASN B 400 15.90 -0.13 14.64
CA ASN B 400 16.85 -0.42 13.56
C ASN B 400 18.28 -0.08 13.93
N GLY B 401 18.50 0.56 15.08
CA GLY B 401 19.83 0.91 15.52
C GLY B 401 20.39 2.11 14.80
N GLY B 402 21.71 2.26 14.90
CA GLY B 402 22.40 3.37 14.26
C GLY B 402 22.33 4.67 15.00
N TRP B 403 21.83 4.69 16.23
CA TRP B 403 21.59 5.96 16.91
C TRP B 403 21.84 5.77 18.40
N GLY B 404 23.00 5.19 18.73
CA GLY B 404 23.35 4.99 20.12
C GLY B 404 24.32 6.03 20.64
N ASP B 405 24.91 6.80 19.74
CA ASP B 405 26.02 7.68 20.07
C ASP B 405 25.48 8.91 20.77
N ILE B 406 25.96 9.14 22.00
CA ILE B 406 25.46 10.27 22.80
C ILE B 406 25.75 11.60 22.11
N ARG B 407 26.78 11.64 21.25
CA ARG B 407 27.04 12.89 20.52
C ARG B 407 25.93 13.20 19.54
N ASP B 408 25.39 12.17 18.87
CA ASP B 408 24.22 12.37 18.03
C ASP B 408 23.02 12.78 18.86
N HIS B 409 22.85 12.18 20.05
CA HIS B 409 21.73 12.55 20.91
C HIS B 409 21.80 14.03 21.26
N GLU B 410 22.98 14.51 21.66
CA GLU B 410 23.11 15.88 22.14
C GLU B 410 23.01 16.89 21.01
N LEU B 411 23.58 16.59 19.83
CA LEU B 411 23.45 17.52 18.72
C LEU B 411 22.00 17.64 18.30
N CYS B 412 21.30 16.51 18.21
CA CYS B 412 19.88 16.52 17.88
C CYS B 412 19.07 17.35 18.88
N LYS B 413 19.37 17.20 20.17
CA LYS B 413 18.68 17.98 21.18
C LYS B 413 19.00 19.48 21.10
N SER B 414 20.14 19.84 20.49
CA SER B 414 20.56 21.24 20.52
C SER B 414 19.78 22.09 19.53
N TYR B 415 19.08 21.50 18.56
CA TYR B 415 18.39 22.31 17.56
C TYR B 415 17.29 23.14 18.18
N ARG B 416 16.60 22.60 19.19
CA ARG B 416 15.52 23.32 19.87
C ARG B 416 15.97 24.64 20.47
N ARG B 417 17.27 24.87 20.58
CA ARG B 417 17.80 26.11 21.14
C ARG B 417 19.03 26.57 20.37
MN MN C . -5.25 -9.44 -11.20
N1 UDP D . -11.85 -13.72 -14.38
C2 UDP D . -12.89 -14.64 -14.54
N3 UDP D . -13.64 -14.65 -15.69
C4 UDP D . -13.39 -13.75 -16.65
C5 UDP D . -12.36 -12.83 -16.49
C6 UDP D . -11.59 -12.83 -15.34
O2 UDP D . -13.12 -15.46 -13.64
O4 UDP D . -14.08 -13.75 -17.69
C1' UDP D . -11.07 -13.79 -13.16
C2' UDP D . -9.60 -14.00 -13.44
O2' UDP D . -9.30 -15.39 -13.59
C3' UDP D . -8.94 -13.46 -12.21
C4' UDP D . -9.95 -12.47 -11.64
O4' UDP D . -11.13 -12.56 -12.43
O3' UDP D . -8.80 -14.55 -11.29
C5' UDP D . -9.42 -11.05 -11.65
O5' UDP D . -9.11 -10.68 -13.00
PA UDP D . -7.84 -9.74 -13.29
O1A UDP D . -7.69 -9.64 -14.79
O2A UDP D . -6.69 -10.21 -12.44
O3A UDP D . -8.39 -8.32 -12.74
PB UDP D . -7.54 -7.23 -11.91
O1B UDP D . -6.71 -6.54 -12.97
O2B UDP D . -8.63 -6.38 -11.31
O3B UDP D . -6.74 -8.00 -10.88
S DMS E . 8.02 -30.44 2.47
O DMS E . 6.74 -30.90 3.09
C1 DMS E . 8.64 -31.74 1.37
C2 DMS E . 7.77 -29.19 1.20
S DMS F . 0.75 -18.45 17.35
O DMS F . 2.11 -18.75 16.78
C1 DMS F . -0.27 -19.95 17.26
C2 DMS F . 0.86 -18.25 19.14
C1 EDO G . -15.59 -23.60 -19.64
O1 EDO G . -16.44 -22.89 -20.56
C2 EDO G . -16.31 -23.74 -18.29
O2 EDO G . -16.97 -22.50 -18.04
S DMS H . 0.41 -33.23 6.64
O DMS H . 0.61 -32.83 5.21
C1 DMS H . 1.14 -34.87 6.89
C2 DMS H . 1.50 -32.26 7.72
MN MN I . 12.91 7.24 -1.42
C1 NAG J . 39.67 25.32 5.95
C2 NAG J . 40.68 25.20 7.07
C3 NAG J . 40.14 24.29 8.15
C4 NAG J . 38.79 24.79 8.64
C5 NAG J . 37.82 25.01 7.47
C6 NAG J . 36.54 25.70 7.88
C7 NAG J . 43.04 25.49 6.54
C8 NAG J . 44.28 24.88 5.99
N2 NAG J . 41.96 24.72 6.57
O3 NAG J . 41.06 24.24 9.23
O4 NAG J . 38.21 23.86 9.55
O5 NAG J . 38.43 25.85 6.47
O6 NAG J . 36.77 27.04 8.33
O7 NAG J . 43.02 26.65 6.93
S DMS K . 13.77 -3.99 20.03
O DMS K . 13.60 -2.85 19.09
C1 DMS K . 15.52 -4.47 20.12
C2 DMS K . 13.51 -3.41 21.73
S DMS L . 9.92 13.32 26.44
O DMS L . 10.69 13.38 25.17
C1 DMS L . 10.94 12.63 27.79
C2 DMS L . 9.56 14.97 27.09
S DMS M . 20.66 5.90 7.06
O DMS M . 21.19 7.02 6.21
C1 DMS M . 19.04 6.38 7.73
C2 DMS M . 20.18 4.51 6.01
S DMS N . -3.50 27.54 -12.27
O DMS N . -3.27 28.07 -10.89
C1 DMS N . -2.49 26.07 -12.56
C2 DMS N . -5.18 26.86 -12.39
S DMS O . 27.74 18.84 -7.95
O DMS O . 28.65 19.82 -7.29
C1 DMS O . 27.97 18.88 -9.74
C2 DMS O . 28.17 17.13 -7.54
#